data_6DKP
#
_entry.id   6DKP
#
_cell.length_a   226.485
_cell.length_b   49.063
_cell.length_c   92.500
_cell.angle_alpha   90.00
_cell.angle_beta   94.98
_cell.angle_gamma   90.00
#
_symmetry.space_group_name_H-M   'C 1 2 1'
#
loop_
_entity.id
_entity.type
_entity.pdbx_description
1 polymer 'HLA class I histocompatibility antigen, A-2 alpha chain'
2 polymer Beta-2-microglobulin
3 polymer 'Melanoma antigen recognized by T-cells 1'
4 polymer 'DMF5 T-cell Receptor Alpha Chain fusion'
5 polymer 'DMF5 T-cell Receptor Beta Chain fusion'
#
loop_
_entity_poly.entity_id
_entity_poly.type
_entity_poly.pdbx_seq_one_letter_code
_entity_poly.pdbx_strand_id
1 'polypeptide(L)'
;MGSHSMRYFFTSVSRPGRGEPRFIAVGYVDDTQFVRFDSDAASQRMEPRAPWIEQEGPEYWDGETRKVKAHSQTHRVDLG
TLRGYYNQSEAGSHTVQRMYGCDVGSDWRFLRGYHQYAYDGKDYIALKEDLRSWTAADMAAQTTKHKWEAAHVAEQLRAY
LEGTCVEWLRRYLENGKETLQRTDAPKTHMTHHAVSDHEATLRCWALSFYPAEITLTWQRDGEDQTQDTELVETRPAGDG
TFQKWAAVVVPSGQEQRYTCHVQHEGLPKPLTLRWE
;
A
2 'polypeptide(L)'
;MIQRTPKIQVYSRHPAENGKSNFLNCYVSGFHPSDIEVDLLKNGERIEKVEHSDLSFSKDWSFYLLYYTEFTPTEKDEYA
CRVNHVTLSQPKIVKWDRDM
;
B
3 'polypeptide(L)' ELAGIGILTV C
4 'polypeptide(L)'
;MKEVEQNSGPLSVPEGAIASLNCTYSYRGSQSFFWYRQYSGKSPELIMFIASNGDKEDGRFTAQLNKASQYVSLLIRDSQ
PSDSATYLCAVNFGGGKLIFGQGTELSVKPNIQNPDPAVYQLRDSKSSDKSVCLFTDFDSQTNVSQSKDSDVYITDKCVL
DMRSMDFKSNSAVAWSNKSDFACANAFNNSIIPEDTFFPS
;
D
5 'polypeptide(L)'
;MIAGITQAPTSQILAAGRRMTLRCTQDMRHNAMYWYRQDLGLGLRLIHYSNTAGTTGKGEVPDGYSVSRANTDDFPLTLA
SAVPSQTSVYFCASSWSFGTEAFFGQGTRLTVVEDLNKVFPPEVAVFEPSEAEISHTQKATLVCLATGFYPDHVELSWWV
NGKEVHSGVCTDPQPLKEQPALNDSRYALSSRLRVSATFWQDPRNHFRCQVQFYGLSENDEWTQDRAKPVTQIVSAEAWG
RAD
;
E
#
# COMPACT_ATOMS: atom_id res chain seq x y z
N GLY A 2 -0.69 30.56 -15.76
CA GLY A 2 -1.58 31.03 -14.71
C GLY A 2 -1.92 29.96 -13.69
N SER A 3 -3.10 30.09 -13.09
CA SER A 3 -3.55 29.10 -12.11
C SER A 3 -3.75 27.74 -12.77
N HIS A 4 -3.42 26.68 -12.04
CA HIS A 4 -3.51 25.32 -12.55
C HIS A 4 -4.19 24.42 -11.52
N SER A 5 -4.55 23.23 -11.96
CA SER A 5 -5.33 22.30 -11.15
C SER A 5 -5.21 20.90 -11.72
N MET A 6 -5.32 19.90 -10.85
CA MET A 6 -5.38 18.50 -11.25
C MET A 6 -6.50 17.83 -10.48
N ARG A 7 -7.39 17.14 -11.18
CA ARG A 7 -8.55 16.52 -10.54
C ARG A 7 -8.83 15.16 -11.17
N TYR A 8 -9.29 14.23 -10.34
CA TYR A 8 -9.70 12.89 -10.73
C TYR A 8 -11.17 12.68 -10.42
N PHE A 9 -11.89 12.10 -11.38
CA PHE A 9 -13.32 11.81 -11.26
C PHE A 9 -13.56 10.32 -11.42
N PHE A 10 -14.39 9.76 -10.55
CA PHE A 10 -14.72 8.34 -10.53
C PHE A 10 -16.23 8.18 -10.47
N THR A 11 -16.76 7.28 -11.30
CA THR A 11 -18.18 6.93 -11.31
C THR A 11 -18.30 5.42 -11.31
N SER A 12 -19.09 4.89 -10.36
CA SER A 12 -19.35 3.46 -10.27
C SER A 12 -20.85 3.25 -10.18
N VAL A 13 -21.39 2.41 -11.05
CA VAL A 13 -22.83 2.20 -11.16
C VAL A 13 -23.14 0.73 -10.97
N SER A 14 -23.99 0.43 -9.99
CA SER A 14 -24.54 -0.92 -9.86
C SER A 14 -25.58 -1.14 -10.94
N ARG A 15 -25.53 -2.31 -11.57
CA ARG A 15 -26.44 -2.59 -12.66
C ARG A 15 -27.44 -3.66 -12.24
N PRO A 16 -28.72 -3.46 -12.53
CA PRO A 16 -29.77 -4.28 -11.90
C PRO A 16 -29.61 -5.76 -12.21
N GLY A 17 -29.40 -6.55 -11.15
CA GLY A 17 -29.20 -7.98 -11.27
C GLY A 17 -27.94 -8.43 -10.57
N ARG A 18 -27.21 -9.36 -11.21
CA ARG A 18 -25.92 -9.81 -10.70
C ARG A 18 -24.77 -9.39 -11.62
N GLY A 19 -25.01 -8.46 -12.54
CA GLY A 19 -23.98 -8.08 -13.48
C GLY A 19 -22.86 -7.30 -12.81
N GLU A 20 -21.68 -7.41 -13.40
CA GLU A 20 -20.52 -6.66 -12.93
C GLU A 20 -20.80 -5.16 -13.02
N PRO A 21 -20.66 -4.41 -11.91
CA PRO A 21 -20.93 -2.97 -11.97
C PRO A 21 -19.98 -2.24 -12.89
N ARG A 22 -20.41 -1.06 -13.32
CA ARG A 22 -19.62 -0.21 -14.20
C ARG A 22 -18.72 0.70 -13.38
N PHE A 23 -17.52 0.95 -13.89
CA PHE A 23 -16.57 1.86 -13.25
C PHE A 23 -15.84 2.63 -14.32
N ILE A 24 -15.88 3.96 -14.23
CA ILE A 24 -15.20 4.85 -15.16
C ILE A 24 -14.41 5.86 -14.34
N ALA A 25 -13.11 5.96 -14.60
CA ALA A 25 -12.24 6.91 -13.95
C ALA A 25 -11.58 7.79 -15.01
N VAL A 26 -11.52 9.10 -14.74
CA VAL A 26 -10.91 10.05 -15.66
C VAL A 26 -10.04 11.02 -14.87
N GLY A 27 -8.98 11.51 -15.54
CA GLY A 27 -8.06 12.45 -14.92
C GLY A 27 -7.84 13.68 -15.78
N TYR A 28 -7.91 14.85 -15.16
CA TYR A 28 -7.78 16.13 -15.83
C TYR A 28 -6.65 16.94 -15.22
N VAL A 29 -5.84 17.54 -16.09
CA VAL A 29 -4.94 18.64 -15.73
C VAL A 29 -5.58 19.90 -16.29
N ASP A 30 -6.00 20.80 -15.40
CA ASP A 30 -6.76 21.98 -15.77
C ASP A 30 -8.01 21.59 -16.53
N ASP A 31 -8.04 21.89 -17.84
CA ASP A 31 -9.18 21.57 -18.70
C ASP A 31 -8.83 20.53 -19.76
N THR A 32 -7.74 19.79 -19.56
CA THR A 32 -7.29 18.79 -20.53
C THR A 32 -7.31 17.42 -19.87
N GLN A 33 -8.06 16.50 -20.47
CA GLN A 33 -8.07 15.11 -20.00
C GLN A 33 -6.81 14.39 -20.46
N PHE A 34 -6.26 13.54 -19.59
CA PHE A 34 -5.01 12.84 -19.94
C PHE A 34 -4.99 11.36 -19.60
N VAL A 35 -5.77 10.88 -18.63
CA VAL A 35 -5.84 9.45 -18.33
C VAL A 35 -7.30 9.04 -18.15
N ARG A 36 -7.55 7.75 -18.30
CA ARG A 36 -8.89 7.22 -18.12
C ARG A 36 -8.81 5.73 -17.80
N PHE A 37 -9.88 5.23 -17.19
CA PHE A 37 -10.07 3.80 -16.98
C PHE A 37 -11.54 3.47 -17.14
N ASP A 38 -11.83 2.36 -17.81
CA ASP A 38 -13.20 1.92 -18.04
C ASP A 38 -13.28 0.42 -17.77
N SER A 39 -14.20 0.02 -16.90
CA SER A 39 -14.31 -1.39 -16.52
C SER A 39 -14.81 -2.25 -17.66
N ASP A 40 -15.56 -1.68 -18.60
CA ASP A 40 -16.09 -2.42 -19.74
C ASP A 40 -15.10 -2.53 -20.91
N ALA A 41 -13.95 -1.86 -20.81
CA ALA A 41 -12.95 -1.95 -21.86
C ALA A 41 -12.21 -3.28 -21.78
N ALA A 42 -11.56 -3.63 -22.89
CA ALA A 42 -10.86 -4.91 -23.00
C ALA A 42 -9.42 -4.87 -22.49
N SER A 43 -8.91 -3.69 -22.11
CA SER A 43 -7.55 -3.56 -21.61
C SER A 43 -7.45 -3.85 -20.12
N GLN A 44 -8.42 -3.39 -19.33
CA GLN A 44 -8.38 -3.52 -17.87
C GLN A 44 -7.12 -2.88 -17.30
N ARG A 45 -6.70 -1.77 -17.90
CA ARG A 45 -5.50 -1.05 -17.47
C ARG A 45 -5.78 0.44 -17.58
N MET A 46 -4.98 1.22 -16.85
CA MET A 46 -5.05 2.67 -16.94
C MET A 46 -4.50 3.12 -18.29
N GLU A 47 -5.34 3.79 -19.08
CA GLU A 47 -4.97 4.13 -20.45
C GLU A 47 -4.65 5.62 -20.59
N PRO A 48 -3.76 5.98 -21.51
CA PRO A 48 -3.44 7.39 -21.74
C PRO A 48 -4.38 8.05 -22.74
N ARG A 49 -4.69 9.31 -22.50
CA ARG A 49 -5.48 10.14 -23.40
C ARG A 49 -4.80 11.47 -23.64
N ALA A 50 -3.47 11.44 -23.77
CA ALA A 50 -2.69 12.65 -23.99
C ALA A 50 -1.33 12.24 -24.54
N PRO A 51 -0.69 13.10 -25.33
CA PRO A 51 0.63 12.72 -25.87
C PRO A 51 1.73 12.71 -24.84
N TRP A 52 1.71 13.66 -23.89
CA TRP A 52 2.80 13.82 -22.94
C TRP A 52 2.76 12.80 -21.81
N ILE A 53 1.59 12.22 -21.51
CA ILE A 53 1.52 11.22 -20.46
C ILE A 53 2.00 9.85 -20.94
N GLU A 54 2.14 9.66 -22.25
CA GLU A 54 2.64 8.39 -22.78
C GLU A 54 4.12 8.19 -22.50
N GLN A 55 4.86 9.26 -22.20
CA GLN A 55 6.28 9.13 -21.93
C GLN A 55 6.57 8.48 -20.58
N GLU A 56 5.56 8.34 -19.73
CA GLU A 56 5.78 7.77 -18.41
C GLU A 56 6.13 6.29 -18.52
N GLY A 57 6.82 5.79 -17.50
CA GLY A 57 7.36 4.44 -17.53
C GLY A 57 6.31 3.39 -17.24
N PRO A 58 6.69 2.12 -17.47
CA PRO A 58 5.75 1.02 -17.20
C PRO A 58 5.37 0.89 -15.74
N GLU A 59 6.27 1.22 -14.81
CA GLU A 59 5.93 1.17 -13.40
C GLU A 59 4.82 2.17 -13.08
N TYR A 60 4.82 3.31 -13.76
CA TYR A 60 3.74 4.28 -13.59
C TYR A 60 2.40 3.68 -13.99
N TRP A 61 2.34 3.06 -15.17
CA TRP A 61 1.08 2.50 -15.65
C TRP A 61 0.63 1.31 -14.80
N ASP A 62 1.57 0.50 -14.32
CA ASP A 62 1.18 -0.61 -13.46
C ASP A 62 0.65 -0.10 -12.12
N GLY A 63 1.32 0.88 -11.52
CA GLY A 63 0.84 1.44 -10.27
C GLY A 63 -0.51 2.11 -10.42
N GLU A 64 -0.71 2.87 -11.50
CA GLU A 64 -2.00 3.51 -11.73
C GLU A 64 -3.09 2.47 -11.97
N THR A 65 -2.75 1.39 -12.68
CA THR A 65 -3.72 0.32 -12.89
C THR A 65 -4.14 -0.31 -11.56
N ARG A 66 -3.15 -0.64 -10.72
CA ARG A 66 -3.46 -1.24 -9.42
C ARG A 66 -4.29 -0.31 -8.55
N LYS A 67 -3.93 0.98 -8.53
CA LYS A 67 -4.65 1.92 -7.67
C LYS A 67 -6.07 2.15 -8.16
N VAL A 68 -6.26 2.30 -9.46
CA VAL A 68 -7.60 2.53 -9.99
C VAL A 68 -8.46 1.28 -9.81
N LYS A 69 -7.85 0.09 -9.88
CA LYS A 69 -8.59 -1.12 -9.56
C LYS A 69 -9.00 -1.14 -8.09
N ALA A 70 -8.11 -0.67 -7.21
CA ALA A 70 -8.46 -0.58 -5.79
C ALA A 70 -9.63 0.37 -5.56
N HIS A 71 -9.62 1.53 -6.24
CA HIS A 71 -10.77 2.41 -6.19
C HIS A 71 -12.03 1.70 -6.65
N SER A 72 -11.93 0.98 -7.77
CA SER A 72 -13.09 0.27 -8.31
C SER A 72 -13.66 -0.72 -7.30
N GLN A 73 -12.79 -1.47 -6.62
CA GLN A 73 -13.26 -2.45 -5.65
C GLN A 73 -13.85 -1.78 -4.42
N THR A 74 -13.23 -0.69 -3.97
CA THR A 74 -13.80 0.10 -2.88
C THR A 74 -15.24 0.53 -3.21
N HIS A 75 -15.46 1.00 -4.44
CA HIS A 75 -16.81 1.40 -4.83
C HIS A 75 -17.73 0.19 -4.95
N ARG A 76 -17.20 -0.95 -5.40
CA ARG A 76 -18.00 -2.17 -5.44
C ARG A 76 -18.56 -2.51 -4.08
N VAL A 77 -17.72 -2.41 -3.04
CA VAL A 77 -18.23 -2.64 -1.68
C VAL A 77 -19.19 -1.53 -1.27
N ASP A 78 -18.89 -0.28 -1.66
CA ASP A 78 -19.70 0.85 -1.23
C ASP A 78 -21.12 0.80 -1.77
N LEU A 79 -21.32 0.21 -2.96
CA LEU A 79 -22.67 0.12 -3.51
C LEU A 79 -23.57 -0.70 -2.60
N GLY A 80 -23.15 -1.93 -2.27
CA GLY A 80 -23.93 -2.75 -1.37
C GLY A 80 -24.05 -2.16 0.02
N THR A 81 -22.95 -1.57 0.52
CA THR A 81 -22.98 -1.00 1.86
C THR A 81 -24.01 0.12 1.95
N LEU A 82 -23.99 1.04 0.97
CA LEU A 82 -24.96 2.14 0.98
C LEU A 82 -26.38 1.63 0.75
N ARG A 83 -26.53 0.64 -0.12
CA ARG A 83 -27.84 0.01 -0.30
C ARG A 83 -28.40 -0.49 1.02
N GLY A 84 -27.55 -1.11 1.84
CA GLY A 84 -27.99 -1.54 3.16
C GLY A 84 -28.24 -0.37 4.09
N TYR A 85 -27.45 0.69 3.95
CA TYR A 85 -27.63 1.89 4.79
C TYR A 85 -29.02 2.50 4.59
N TYR A 86 -29.47 2.58 3.33
CA TYR A 86 -30.72 3.25 3.02
C TYR A 86 -31.89 2.29 2.80
N ASN A 87 -31.72 1.01 3.14
CA ASN A 87 -32.78 0.00 3.00
C ASN A 87 -33.32 -0.04 1.57
N GLN A 88 -32.41 0.04 0.60
CA GLN A 88 -32.79 0.02 -0.81
C GLN A 88 -32.82 -1.41 -1.33
N SER A 89 -33.62 -1.64 -2.37
CA SER A 89 -33.77 -2.97 -2.92
C SER A 89 -32.65 -3.29 -3.90
N GLU A 90 -32.30 -4.56 -4.00
CA GLU A 90 -31.26 -5.01 -4.91
C GLU A 90 -31.75 -5.09 -6.35
N ALA A 91 -32.98 -4.67 -6.63
CA ALA A 91 -33.49 -4.69 -8.00
C ALA A 91 -33.23 -3.39 -8.76
N GLY A 92 -32.87 -2.32 -8.06
CA GLY A 92 -32.61 -1.05 -8.70
C GLY A 92 -31.13 -0.82 -8.99
N SER A 93 -30.87 0.30 -9.67
CA SER A 93 -29.52 0.70 -10.03
C SER A 93 -29.18 2.02 -9.33
N HIS A 94 -28.00 2.08 -8.72
CA HIS A 94 -27.56 3.24 -7.98
C HIS A 94 -26.15 3.63 -8.42
N THR A 95 -25.72 4.82 -8.01
CA THR A 95 -24.50 5.41 -8.51
C THR A 95 -23.69 6.02 -7.36
N VAL A 96 -22.39 5.72 -7.36
CA VAL A 96 -21.43 6.32 -6.43
C VAL A 96 -20.48 7.18 -7.25
N GLN A 97 -20.25 8.41 -6.80
CA GLN A 97 -19.35 9.33 -7.48
C GLN A 97 -18.30 9.84 -6.49
N ARG A 98 -17.05 9.92 -6.94
CA ARG A 98 -15.95 10.40 -6.13
C ARG A 98 -15.13 11.39 -6.94
N MET A 99 -14.71 12.48 -6.30
CA MET A 99 -13.89 13.48 -6.98
C MET A 99 -12.83 13.97 -6.02
N TYR A 100 -11.58 14.00 -6.45
CA TYR A 100 -10.57 14.61 -5.59
C TYR A 100 -9.49 15.26 -6.44
N GLY A 101 -8.82 16.26 -5.87
CA GLY A 101 -7.76 16.93 -6.59
C GLY A 101 -7.21 18.10 -5.82
N CYS A 102 -6.33 18.84 -6.49
CA CYS A 102 -5.68 19.99 -5.88
C CYS A 102 -5.54 21.12 -6.89
N ASP A 103 -5.70 22.35 -6.39
CA ASP A 103 -5.53 23.56 -7.19
C ASP A 103 -4.33 24.34 -6.65
N VAL A 104 -3.58 24.96 -7.56
CA VAL A 104 -2.43 25.78 -7.22
C VAL A 104 -2.70 27.22 -7.62
N GLY A 105 -1.83 28.11 -7.16
CA GLY A 105 -2.02 29.53 -7.38
C GLY A 105 -1.02 30.17 -8.32
N SER A 106 -0.99 29.69 -9.57
CA SER A 106 -0.16 30.24 -10.64
C SER A 106 1.34 30.03 -10.41
N ASP A 107 1.81 30.23 -9.17
CA ASP A 107 3.20 29.96 -8.83
C ASP A 107 3.45 28.50 -8.47
N TRP A 108 2.49 27.63 -8.77
CA TRP A 108 2.59 26.18 -8.56
C TRP A 108 2.76 25.81 -7.08
N ARG A 109 2.27 26.67 -6.19
CA ARG A 109 2.19 26.37 -4.76
C ARG A 109 0.77 25.92 -4.42
N PHE A 110 0.67 25.06 -3.41
CA PHE A 110 -0.62 24.51 -3.03
C PHE A 110 -1.59 25.61 -2.66
N LEU A 111 -2.78 25.57 -3.26
CA LEU A 111 -3.84 26.53 -2.97
C LEU A 111 -5.05 25.87 -2.32
N ARG A 112 -5.62 24.85 -2.95
CA ARG A 112 -6.80 24.18 -2.41
C ARG A 112 -6.73 22.68 -2.65
N GLY A 113 -7.50 21.95 -1.86
CA GLY A 113 -7.60 20.50 -1.98
C GLY A 113 -9.02 20.02 -1.79
N TYR A 114 -9.45 19.05 -2.60
CA TYR A 114 -10.82 18.58 -2.61
C TYR A 114 -10.88 17.06 -2.55
N HIS A 115 -11.82 16.55 -1.75
CA HIS A 115 -12.22 15.15 -1.80
C HIS A 115 -13.71 15.10 -1.45
N GLN A 116 -14.54 14.76 -2.44
CA GLN A 116 -15.97 14.74 -2.27
C GLN A 116 -16.54 13.40 -2.77
N TYR A 117 -17.63 12.98 -2.11
CA TYR A 117 -18.20 11.65 -2.29
C TYR A 117 -19.72 11.76 -2.25
N ALA A 118 -20.37 11.18 -3.26
CA ALA A 118 -21.81 11.29 -3.43
C ALA A 118 -22.41 9.93 -3.76
N TYR A 119 -23.62 9.68 -3.25
CA TYR A 119 -24.41 8.50 -3.59
C TYR A 119 -25.59 8.95 -4.42
N ASP A 120 -25.82 8.27 -5.54
CA ASP A 120 -26.77 8.72 -6.57
C ASP A 120 -26.30 10.10 -7.01
N GLY A 121 -27.14 11.13 -6.96
CA GLY A 121 -26.73 12.48 -7.32
C GLY A 121 -26.63 13.46 -6.17
N LYS A 122 -26.74 13.00 -4.92
CA LYS A 122 -26.71 13.87 -3.76
C LYS A 122 -25.41 13.68 -2.99
N ASP A 123 -24.93 14.77 -2.39
CA ASP A 123 -23.72 14.72 -1.59
C ASP A 123 -23.87 13.71 -0.46
N TYR A 124 -22.84 12.91 -0.25
CA TYR A 124 -22.79 11.97 0.87
C TYR A 124 -21.81 12.40 1.95
N ILE A 125 -20.55 12.63 1.60
CA ILE A 125 -19.55 13.09 2.56
C ILE A 125 -18.48 13.85 1.81
N ALA A 126 -17.88 14.84 2.48
CA ALA A 126 -16.87 15.66 1.83
C ALA A 126 -15.83 16.11 2.84
N LEU A 127 -14.56 16.10 2.41
CA LEU A 127 -13.47 16.59 3.24
C LEU A 127 -13.48 18.12 3.22
N LYS A 128 -13.51 18.74 4.40
CA LYS A 128 -13.59 20.18 4.50
C LYS A 128 -12.31 20.82 3.95
N GLU A 129 -12.26 22.15 4.04
CA GLU A 129 -11.12 22.90 3.52
C GLU A 129 -9.84 22.56 4.28
N ASP A 130 -9.93 22.38 5.60
CA ASP A 130 -8.74 22.17 6.41
C ASP A 130 -8.11 20.79 6.21
N LEU A 131 -8.75 19.91 5.44
CA LEU A 131 -8.24 18.57 5.17
C LEU A 131 -8.04 17.76 6.44
N ARG A 132 -8.83 18.07 7.48
CA ARG A 132 -8.76 17.32 8.74
C ARG A 132 -10.13 17.03 9.33
N SER A 133 -11.22 17.53 8.75
CA SER A 133 -12.56 17.29 9.25
C SER A 133 -13.47 16.98 8.08
N TRP A 134 -14.61 16.37 8.39
CA TRP A 134 -15.55 15.90 7.39
C TRP A 134 -16.89 16.61 7.51
N THR A 135 -17.63 16.60 6.41
CA THR A 135 -19.00 17.08 6.32
C THR A 135 -19.86 15.92 5.84
N ALA A 136 -20.73 15.41 6.71
CA ALA A 136 -21.65 14.34 6.40
C ALA A 136 -23.04 14.91 6.14
N ALA A 137 -23.71 14.35 5.14
CA ALA A 137 -24.98 14.92 4.68
C ALA A 137 -26.18 14.44 5.48
N ASP A 138 -26.25 13.15 5.82
CA ASP A 138 -27.38 12.61 6.57
C ASP A 138 -26.85 11.70 7.68
N MET A 139 -27.76 10.91 8.25
CA MET A 139 -27.47 10.17 9.47
C MET A 139 -26.69 8.87 9.23
N ALA A 140 -26.67 8.37 7.99
CA ALA A 140 -25.79 7.26 7.65
C ALA A 140 -24.40 7.74 7.26
N ALA A 141 -24.34 8.88 6.56
CA ALA A 141 -23.07 9.53 6.31
C ALA A 141 -22.36 9.89 7.62
N GLN A 142 -23.10 9.99 8.72
CA GLN A 142 -22.46 10.17 10.02
C GLN A 142 -21.79 8.88 10.47
N THR A 143 -22.40 7.73 10.19
CA THR A 143 -21.76 6.45 10.45
C THR A 143 -20.46 6.32 9.66
N THR A 144 -20.54 6.59 8.35
CA THR A 144 -19.33 6.57 7.53
C THR A 144 -18.30 7.57 8.06
N LYS A 145 -18.77 8.74 8.51
CA LYS A 145 -17.86 9.77 9.03
C LYS A 145 -17.13 9.29 10.27
N HIS A 146 -17.86 8.67 11.20
CA HIS A 146 -17.22 8.11 12.38
C HIS A 146 -16.20 7.05 12.00
N LYS A 147 -16.54 6.19 11.03
CA LYS A 147 -15.59 5.17 10.59
C LYS A 147 -14.32 5.80 10.03
N TRP A 148 -14.46 6.85 9.22
CA TRP A 148 -13.28 7.46 8.60
C TRP A 148 -12.46 8.26 9.60
N GLU A 149 -13.11 8.81 10.64
CA GLU A 149 -12.35 9.48 11.69
C GLU A 149 -11.59 8.48 12.54
N ALA A 150 -12.18 7.31 12.79
CA ALA A 150 -11.49 6.29 13.56
C ALA A 150 -10.27 5.75 12.83
N ALA A 151 -10.29 5.77 11.49
CA ALA A 151 -9.19 5.26 10.69
C ALA A 151 -8.27 6.36 10.16
N HIS A 152 -8.53 7.62 10.52
CA HIS A 152 -7.66 8.74 10.17
C HIS A 152 -7.51 8.88 8.66
N VAL A 153 -8.64 8.90 7.96
CA VAL A 153 -8.61 9.06 6.50
C VAL A 153 -8.22 10.48 6.13
N ALA A 154 -8.72 11.46 6.88
CA ALA A 154 -8.44 12.86 6.56
C ALA A 154 -6.95 13.18 6.63
N GLU A 155 -6.20 12.47 7.48
CA GLU A 155 -4.76 12.67 7.55
C GLU A 155 -4.08 12.20 6.26
N GLN A 156 -4.41 10.98 5.83
CA GLN A 156 -3.84 10.45 4.60
C GLN A 156 -4.22 11.31 3.39
N LEU A 157 -5.48 11.71 3.31
CA LEU A 157 -5.92 12.55 2.19
C LEU A 157 -5.26 13.92 2.25
N ARG A 158 -4.99 14.45 3.44
CA ARG A 158 -4.22 15.67 3.55
C ARG A 158 -2.81 15.47 2.99
N ALA A 159 -2.19 14.34 3.35
CA ALA A 159 -0.84 14.04 2.84
C ALA A 159 -0.83 13.95 1.32
N TYR A 160 -1.88 13.37 0.73
CA TYR A 160 -1.93 13.27 -0.73
C TYR A 160 -2.19 14.62 -1.38
N LEU A 161 -3.19 15.35 -0.90
CA LEU A 161 -3.59 16.59 -1.55
C LEU A 161 -2.49 17.66 -1.44
N GLU A 162 -1.78 17.70 -0.31
CA GLU A 162 -0.73 18.69 -0.14
C GLU A 162 0.61 18.24 -0.69
N GLY A 163 0.86 16.92 -0.75
CA GLY A 163 2.13 16.42 -1.20
C GLY A 163 2.14 15.90 -2.63
N THR A 164 1.70 14.65 -2.81
CA THR A 164 1.84 13.97 -4.10
C THR A 164 1.08 14.70 -5.20
N CYS A 165 -0.13 15.17 -4.91
CA CYS A 165 -0.93 15.85 -5.92
C CYS A 165 -0.20 17.04 -6.50
N VAL A 166 0.43 17.85 -5.66
CA VAL A 166 1.13 19.04 -6.13
C VAL A 166 2.38 18.66 -6.91
N GLU A 167 3.16 17.73 -6.38
CA GLU A 167 4.36 17.27 -7.06
C GLU A 167 4.05 16.81 -8.48
N TRP A 168 3.12 15.87 -8.62
CA TRP A 168 2.81 15.35 -9.94
C TRP A 168 2.04 16.35 -10.79
N LEU A 169 1.37 17.33 -10.18
CA LEU A 169 0.78 18.41 -10.98
C LEU A 169 1.87 19.26 -11.62
N ARG A 170 2.92 19.59 -10.86
CA ARG A 170 4.05 20.29 -11.45
C ARG A 170 4.72 19.47 -12.53
N ARG A 171 4.97 18.18 -12.26
CA ARG A 171 5.61 17.33 -13.24
C ARG A 171 4.79 17.22 -14.51
N TYR A 172 3.47 17.13 -14.38
CA TYR A 172 2.60 17.10 -15.56
C TYR A 172 2.63 18.44 -16.29
N LEU A 173 2.67 19.55 -15.55
CA LEU A 173 2.71 20.85 -16.21
C LEU A 173 4.00 21.05 -17.00
N GLU A 174 5.11 20.49 -16.54
CA GLU A 174 6.35 20.60 -17.30
C GLU A 174 6.33 19.69 -18.53
N ASN A 175 5.95 18.43 -18.34
CA ASN A 175 5.89 17.46 -19.44
C ASN A 175 4.65 17.73 -20.27
N GLY A 176 4.84 18.18 -21.50
CA GLY A 176 3.74 18.67 -22.30
C GLY A 176 3.40 20.12 -22.08
N LYS A 177 4.38 20.92 -21.64
CA LYS A 177 4.19 22.36 -21.45
C LYS A 177 3.66 23.02 -22.73
N GLU A 178 3.98 22.44 -23.89
CA GLU A 178 3.45 22.91 -25.16
C GLU A 178 1.92 22.91 -25.15
N THR A 179 1.31 21.92 -24.49
CA THR A 179 -0.14 21.76 -24.47
C THR A 179 -0.79 22.37 -23.23
N LEU A 180 -0.30 22.03 -22.04
CA LEU A 180 -0.99 22.43 -20.82
C LEU A 180 -0.81 23.92 -20.53
N GLN A 181 0.38 24.45 -20.72
CA GLN A 181 0.68 25.84 -20.43
C GLN A 181 0.42 26.76 -21.61
N ARG A 182 -0.28 26.28 -22.63
CA ARG A 182 -0.62 27.11 -23.77
C ARG A 182 -1.85 27.96 -23.44
N THR A 183 -2.12 28.93 -24.31
CA THR A 183 -3.32 29.76 -24.20
C THR A 183 -3.79 30.11 -25.61
N ASP A 184 -4.96 29.63 -25.98
CA ASP A 184 -5.53 29.85 -27.30
C ASP A 184 -6.50 31.02 -27.25
N ALA A 185 -6.30 32.00 -28.12
CA ALA A 185 -7.14 33.18 -28.14
C ALA A 185 -8.49 32.87 -28.79
N PRO A 186 -9.58 33.47 -28.30
CA PRO A 186 -10.89 33.22 -28.91
C PRO A 186 -11.01 33.87 -30.27
N LYS A 187 -11.65 33.15 -31.20
CA LYS A 187 -12.02 33.66 -32.50
C LYS A 187 -13.51 33.96 -32.47
N THR A 188 -13.87 35.24 -32.61
CA THR A 188 -15.20 35.71 -32.31
C THR A 188 -15.89 36.26 -33.55
N HIS A 189 -17.22 36.28 -33.51
CA HIS A 189 -18.04 36.98 -34.49
C HIS A 189 -19.45 37.09 -33.93
N MET A 190 -20.22 38.00 -34.51
CA MET A 190 -21.58 38.26 -34.06
C MET A 190 -22.56 38.10 -35.22
N THR A 191 -23.72 37.51 -34.94
CA THR A 191 -24.73 37.28 -35.94
C THR A 191 -26.03 37.97 -35.55
N HIS A 192 -26.78 38.41 -36.57
CA HIS A 192 -28.03 39.14 -36.41
C HIS A 192 -29.14 38.36 -37.10
N HIS A 193 -30.27 38.17 -36.40
CA HIS A 193 -31.40 37.42 -36.94
C HIS A 193 -32.69 38.13 -36.58
N ALA A 194 -33.44 38.55 -37.60
CA ALA A 194 -34.75 39.16 -37.35
C ALA A 194 -35.77 38.07 -37.07
N VAL A 195 -36.18 37.96 -35.82
CA VAL A 195 -37.14 36.92 -35.48
C VAL A 195 -38.53 37.27 -36.04
N SER A 196 -38.83 38.55 -36.25
CA SER A 196 -40.05 38.98 -36.92
C SER A 196 -39.82 40.27 -37.71
N ASP A 197 -40.90 41.00 -37.99
CA ASP A 197 -40.78 42.24 -38.75
C ASP A 197 -39.94 43.28 -38.01
N HIS A 198 -40.29 43.54 -36.75
CA HIS A 198 -39.57 44.51 -35.93
C HIS A 198 -38.63 43.85 -34.93
N GLU A 199 -38.57 42.52 -34.91
CA GLU A 199 -37.79 41.82 -33.92
C GLU A 199 -36.35 41.62 -34.37
N ALA A 200 -35.47 41.42 -33.39
CA ALA A 200 -34.07 41.15 -33.66
C ALA A 200 -33.47 40.39 -32.49
N THR A 201 -32.38 39.68 -32.78
CA THR A 201 -31.59 39.02 -31.75
C THR A 201 -30.17 38.91 -32.25
N LEU A 202 -29.21 39.12 -31.35
CA LEU A 202 -27.79 39.12 -31.68
C LEU A 202 -27.10 38.02 -30.89
N ARG A 203 -26.31 37.21 -31.60
CA ARG A 203 -25.57 36.11 -30.99
C ARG A 203 -24.08 36.41 -31.06
N CYS A 204 -23.44 36.39 -29.90
CA CYS A 204 -22.01 36.63 -29.77
C CYS A 204 -21.30 35.30 -29.61
N TRP A 205 -20.40 35.00 -30.56
CA TRP A 205 -19.77 33.69 -30.68
C TRP A 205 -18.28 33.82 -30.42
N ALA A 206 -17.77 33.04 -29.47
CA ALA A 206 -16.35 32.91 -29.19
C ALA A 206 -15.96 31.45 -29.33
N LEU A 207 -14.98 31.17 -30.18
CA LEU A 207 -14.61 29.81 -30.52
C LEU A 207 -13.13 29.58 -30.28
N SER A 208 -12.77 28.31 -30.12
CA SER A 208 -11.37 27.86 -30.13
C SER A 208 -10.52 28.62 -29.13
N PHE A 209 -10.93 28.57 -27.86
CA PHE A 209 -10.19 29.21 -26.78
C PHE A 209 -9.81 28.19 -25.72
N TYR A 210 -8.65 28.40 -25.10
CA TYR A 210 -8.15 27.58 -24.01
C TYR A 210 -7.40 28.50 -23.07
N PRO A 211 -7.61 28.40 -21.75
CA PRO A 211 -8.51 27.44 -21.08
C PRO A 211 -9.99 27.76 -21.24
N ALA A 212 -10.85 26.92 -20.66
CA ALA A 212 -12.28 27.04 -20.89
C ALA A 212 -12.88 28.25 -20.17
N GLU A 213 -12.21 28.80 -19.17
CA GLU A 213 -12.74 29.95 -18.46
C GLU A 213 -12.75 31.17 -19.38
N ILE A 214 -13.93 31.78 -19.53
CA ILE A 214 -14.10 32.91 -20.44
C ILE A 214 -15.33 33.67 -19.97
N THR A 215 -15.37 34.97 -20.27
CA THR A 215 -16.49 35.82 -19.87
C THR A 215 -17.05 36.53 -21.09
N LEU A 216 -18.32 36.24 -21.40
CA LEU A 216 -19.07 36.95 -22.44
C LEU A 216 -20.25 37.64 -21.79
N THR A 217 -20.39 38.94 -22.00
CA THR A 217 -21.51 39.67 -21.42
C THR A 217 -22.08 40.66 -22.41
N TRP A 218 -23.37 40.95 -22.27
CA TRP A 218 -24.05 41.93 -23.11
C TRP A 218 -24.26 43.23 -22.33
N GLN A 219 -23.98 44.35 -23.00
CA GLN A 219 -24.07 45.67 -22.39
C GLN A 219 -24.89 46.58 -23.30
N ARG A 220 -25.90 47.24 -22.74
CA ARG A 220 -26.80 48.11 -23.49
C ARG A 220 -26.59 49.55 -23.04
N ASP A 221 -26.09 50.38 -23.95
CA ASP A 221 -25.95 51.83 -23.73
C ASP A 221 -25.04 52.13 -22.54
N GLY A 222 -24.07 51.25 -22.28
CA GLY A 222 -23.05 51.50 -21.28
C GLY A 222 -23.23 50.77 -19.97
N GLU A 223 -24.35 50.08 -19.76
CA GLU A 223 -24.60 49.35 -18.53
C GLU A 223 -24.94 47.90 -18.85
N ASP A 224 -24.40 46.99 -18.05
CA ASP A 224 -24.60 45.56 -18.29
C ASP A 224 -26.03 45.15 -17.96
N GLN A 225 -26.58 44.24 -18.76
CA GLN A 225 -27.93 43.74 -18.55
C GLN A 225 -27.97 42.47 -17.71
N THR A 226 -26.99 41.59 -17.90
CA THR A 226 -26.84 40.37 -17.09
C THR A 226 -28.01 39.42 -17.22
N GLN A 227 -29.20 39.87 -16.79
CA GLN A 227 -30.35 38.98 -16.72
C GLN A 227 -31.02 38.77 -18.08
N ASP A 228 -30.94 39.75 -18.97
CA ASP A 228 -31.61 39.68 -20.27
C ASP A 228 -30.61 39.13 -21.29
N THR A 229 -30.45 37.81 -21.27
CA THR A 229 -29.55 37.14 -22.21
C THR A 229 -29.85 35.65 -22.22
N GLU A 230 -29.43 35.00 -23.29
CA GLU A 230 -29.52 33.54 -23.44
C GLU A 230 -28.09 33.02 -23.48
N LEU A 231 -27.52 32.75 -22.30
CA LEU A 231 -26.16 32.27 -22.19
C LEU A 231 -26.16 30.75 -22.04
N VAL A 232 -25.23 30.10 -22.75
CA VAL A 232 -25.15 28.65 -22.77
C VAL A 232 -23.86 28.21 -22.08
N GLU A 233 -23.84 26.93 -21.71
CA GLU A 233 -22.69 26.36 -21.03
C GLU A 233 -21.50 26.25 -21.97
N THR A 234 -20.30 26.50 -21.44
CA THR A 234 -19.08 26.34 -22.23
C THR A 234 -18.93 24.89 -22.66
N ARG A 235 -18.78 24.67 -23.97
CA ARG A 235 -18.76 23.35 -24.54
C ARG A 235 -17.46 23.08 -25.28
N PRO A 236 -17.04 21.82 -25.37
CA PRO A 236 -15.83 21.48 -26.12
C PRO A 236 -16.12 21.22 -27.59
N ALA A 237 -15.12 21.55 -28.42
CA ALA A 237 -15.16 21.32 -29.86
C ALA A 237 -14.61 19.96 -30.26
N GLY A 238 -13.88 19.29 -29.37
CA GLY A 238 -13.30 18.01 -29.67
C GLY A 238 -11.84 18.04 -30.08
N ASP A 239 -11.22 19.23 -30.13
CA ASP A 239 -9.82 19.36 -30.54
C ASP A 239 -8.96 19.96 -29.43
N GLY A 240 -9.47 20.04 -28.21
CA GLY A 240 -8.74 20.63 -27.10
C GLY A 240 -9.16 22.06 -26.78
N THR A 241 -10.02 22.66 -27.59
CA THR A 241 -10.49 24.02 -27.38
C THR A 241 -11.99 23.99 -27.08
N PHE A 242 -12.53 25.16 -26.75
CA PHE A 242 -13.91 25.27 -26.30
C PHE A 242 -14.64 26.36 -27.07
N GLN A 243 -15.97 26.34 -26.95
CA GLN A 243 -16.84 27.30 -27.61
C GLN A 243 -17.85 27.84 -26.61
N LYS A 244 -18.27 29.09 -26.82
CA LYS A 244 -19.32 29.67 -26.00
C LYS A 244 -19.93 30.85 -26.74
N TRP A 245 -21.25 30.99 -26.65
CA TRP A 245 -21.96 32.09 -27.29
C TRP A 245 -23.06 32.58 -26.35
N ALA A 246 -23.49 33.82 -26.59
CA ALA A 246 -24.55 34.44 -25.79
C ALA A 246 -25.42 35.32 -26.67
N ALA A 247 -26.73 35.14 -26.58
CA ALA A 247 -27.69 35.86 -27.40
C ALA A 247 -28.46 36.88 -26.57
N VAL A 248 -28.85 37.97 -27.23
CA VAL A 248 -29.66 39.01 -26.61
C VAL A 248 -30.77 39.41 -27.58
N VAL A 249 -31.94 39.71 -27.03
CA VAL A 249 -33.08 40.14 -27.84
C VAL A 249 -33.06 41.66 -27.92
N VAL A 250 -33.09 42.18 -29.16
CA VAL A 250 -33.03 43.62 -29.36
C VAL A 250 -34.09 44.01 -30.39
N PRO A 251 -34.62 45.24 -30.30
CA PRO A 251 -35.54 45.70 -31.34
C PRO A 251 -34.80 46.00 -32.64
N SER A 252 -35.54 45.91 -33.74
CA SER A 252 -34.96 46.18 -35.05
C SER A 252 -34.51 47.63 -35.14
N GLY A 253 -33.38 47.84 -35.81
CA GLY A 253 -32.79 49.16 -35.92
C GLY A 253 -32.06 49.63 -34.69
N GLN A 254 -32.16 48.90 -33.58
CA GLN A 254 -31.48 49.25 -32.34
C GLN A 254 -30.35 48.28 -32.01
N GLU A 255 -29.80 47.61 -33.03
CA GLU A 255 -28.72 46.64 -32.78
C GLU A 255 -27.46 47.32 -32.26
N GLN A 256 -27.28 48.61 -32.56
CA GLN A 256 -26.09 49.33 -32.15
C GLN A 256 -26.12 49.73 -30.68
N ARG A 257 -27.26 49.62 -30.01
CA ARG A 257 -27.33 49.86 -28.58
C ARG A 257 -26.65 48.74 -27.78
N TYR A 258 -26.48 47.57 -28.38
CA TYR A 258 -26.03 46.38 -27.67
C TYR A 258 -24.62 46.02 -28.10
N THR A 259 -23.73 45.83 -27.13
CA THR A 259 -22.36 45.45 -27.36
C THR A 259 -22.02 44.20 -26.58
N CYS A 260 -21.15 43.36 -27.15
CA CYS A 260 -20.71 42.12 -26.53
C CYS A 260 -19.28 42.29 -26.04
N HIS A 261 -19.05 41.98 -24.77
CA HIS A 261 -17.75 42.12 -24.15
C HIS A 261 -17.18 40.74 -23.84
N VAL A 262 -15.93 40.52 -24.26
CA VAL A 262 -15.27 39.23 -24.20
C VAL A 262 -14.00 39.36 -23.37
N GLN A 263 -13.79 38.43 -22.44
CA GLN A 263 -12.64 38.41 -21.55
C GLN A 263 -12.08 37.00 -21.50
N HIS A 264 -10.77 36.87 -21.76
CA HIS A 264 -10.09 35.59 -21.76
C HIS A 264 -8.61 35.83 -21.51
N GLU A 265 -7.90 34.76 -21.14
CA GLU A 265 -6.47 34.86 -20.87
C GLU A 265 -5.69 35.29 -22.12
N GLY A 266 -5.99 34.68 -23.27
CA GLY A 266 -5.27 34.96 -24.49
C GLY A 266 -5.49 36.34 -25.06
N LEU A 267 -6.36 37.15 -24.45
CA LEU A 267 -6.63 38.51 -24.90
C LEU A 267 -6.03 39.49 -23.91
N PRO A 268 -4.91 40.14 -24.23
CA PRO A 268 -4.31 41.09 -23.28
C PRO A 268 -5.24 42.22 -22.89
N LYS A 269 -6.13 42.63 -23.79
CA LYS A 269 -7.15 43.63 -23.49
C LYS A 269 -8.52 43.07 -23.84
N PRO A 270 -9.53 43.35 -23.02
CA PRO A 270 -10.88 42.84 -23.29
C PRO A 270 -11.39 43.35 -24.63
N LEU A 271 -12.33 42.60 -25.20
CA LEU A 271 -12.84 42.89 -26.53
C LEU A 271 -14.30 43.36 -26.47
N THR A 272 -14.67 44.21 -27.42
CA THR A 272 -16.02 44.73 -27.54
C THR A 272 -16.47 44.64 -28.99
N LEU A 273 -17.60 44.01 -29.22
CA LEU A 273 -18.14 43.78 -30.56
C LEU A 273 -19.54 44.37 -30.66
N ARG A 274 -19.92 44.68 -31.89
CA ARG A 274 -21.25 45.22 -32.18
C ARG A 274 -21.63 44.80 -33.60
N TRP A 275 -22.91 44.98 -33.93
CA TRP A 275 -23.40 44.57 -35.24
C TRP A 275 -22.88 45.53 -36.31
N GLU A 276 -21.83 45.13 -37.00
CA GLU A 276 -21.27 45.91 -38.08
C GLU A 276 -21.90 45.54 -39.42
N MET B 1 -34.59 8.82 -5.29
CA MET B 1 -33.53 9.03 -6.27
C MET B 1 -33.89 10.17 -7.22
N ILE B 2 -33.06 11.20 -7.26
CA ILE B 2 -33.33 12.41 -8.03
C ILE B 2 -32.72 12.27 -9.42
N GLN B 3 -33.51 12.58 -10.44
CA GLN B 3 -33.08 12.48 -11.83
C GLN B 3 -33.00 13.87 -12.46
N ARG B 4 -32.17 13.99 -13.49
CA ARG B 4 -31.99 15.24 -14.21
C ARG B 4 -31.95 14.96 -15.71
N THR B 5 -32.56 15.85 -16.48
CA THR B 5 -32.79 15.87 -17.92
C THR B 5 -31.60 16.49 -18.65
N PRO B 6 -31.16 15.79 -19.71
CA PRO B 6 -29.97 16.24 -20.44
C PRO B 6 -30.19 17.55 -21.19
N LYS B 7 -29.22 18.46 -21.07
CA LYS B 7 -29.07 19.55 -22.01
C LYS B 7 -28.37 19.03 -23.26
N ILE B 8 -28.89 19.41 -24.42
CA ILE B 8 -28.40 18.92 -25.71
C ILE B 8 -27.99 20.13 -26.55
N GLN B 9 -26.79 20.08 -27.10
CA GLN B 9 -26.28 21.13 -27.99
C GLN B 9 -25.64 20.49 -29.20
N VAL B 10 -26.14 20.83 -30.39
CA VAL B 10 -25.60 20.33 -31.65
C VAL B 10 -24.79 21.44 -32.29
N TYR B 11 -23.59 21.12 -32.75
CA TYR B 11 -22.70 22.11 -33.35
C TYR B 11 -21.63 21.39 -34.17
N SER B 12 -20.66 22.15 -34.66
CA SER B 12 -19.53 21.62 -35.40
C SER B 12 -18.23 22.06 -34.75
N ARG B 13 -17.17 21.29 -34.98
CA ARG B 13 -15.87 21.63 -34.41
C ARG B 13 -15.37 22.97 -34.93
N HIS B 14 -15.34 23.12 -36.25
CA HIS B 14 -14.96 24.36 -36.90
C HIS B 14 -16.18 25.00 -37.57
N PRO B 15 -16.10 26.28 -37.94
CA PRO B 15 -17.19 26.87 -38.74
C PRO B 15 -17.41 26.07 -40.02
N ALA B 16 -18.68 25.83 -40.31
CA ALA B 16 -19.06 24.92 -41.39
C ALA B 16 -18.96 25.61 -42.75
N GLU B 17 -18.43 24.87 -43.73
CA GLU B 17 -18.43 25.30 -45.12
C GLU B 17 -18.80 24.11 -45.98
N ASN B 18 -19.68 24.33 -46.95
CA ASN B 18 -20.17 23.24 -47.79
C ASN B 18 -19.03 22.68 -48.64
N GLY B 19 -18.80 21.37 -48.54
CA GLY B 19 -17.72 20.71 -49.24
C GLY B 19 -16.43 20.58 -48.46
N LYS B 20 -16.39 21.07 -47.23
CA LYS B 20 -15.20 21.02 -46.39
C LYS B 20 -15.48 20.14 -45.18
N SER B 21 -14.60 19.17 -44.94
CA SER B 21 -14.82 18.21 -43.86
C SER B 21 -14.80 18.91 -42.51
N ASN B 22 -15.55 18.34 -41.57
CA ASN B 22 -15.69 18.90 -40.22
C ASN B 22 -16.13 17.77 -39.29
N PHE B 23 -16.37 18.12 -38.03
CA PHE B 23 -16.80 17.16 -37.03
C PHE B 23 -18.11 17.62 -36.41
N LEU B 24 -19.16 16.82 -36.60
CA LEU B 24 -20.45 17.08 -35.99
C LEU B 24 -20.41 16.62 -34.53
N ASN B 25 -20.80 17.53 -33.64
CA ASN B 25 -20.75 17.32 -32.20
C ASN B 25 -22.12 17.49 -31.59
N CYS B 26 -22.43 16.62 -30.63
CA CYS B 26 -23.62 16.70 -29.79
C CYS B 26 -23.16 16.60 -28.34
N TYR B 27 -23.30 17.69 -27.60
CA TYR B 27 -22.82 17.79 -26.22
C TYR B 27 -24.04 17.77 -25.30
N VAL B 28 -24.10 16.74 -24.44
CA VAL B 28 -25.15 16.61 -23.44
C VAL B 28 -24.54 16.91 -22.08
N SER B 29 -25.33 17.50 -21.19
CA SER B 29 -24.80 17.89 -19.89
C SER B 29 -25.93 17.97 -18.88
N GLY B 30 -25.55 18.06 -17.60
CA GLY B 30 -26.51 18.29 -16.53
C GLY B 30 -27.60 17.26 -16.40
N PHE B 31 -27.25 15.97 -16.47
CA PHE B 31 -28.23 14.91 -16.41
C PHE B 31 -27.81 13.86 -15.38
N HIS B 32 -28.80 13.08 -14.93
CA HIS B 32 -28.62 12.03 -13.95
C HIS B 32 -29.83 11.11 -14.03
N PRO B 33 -29.66 9.77 -14.05
CA PRO B 33 -28.41 9.01 -13.97
C PRO B 33 -27.54 9.07 -15.23
N SER B 34 -26.53 8.20 -15.29
CA SER B 34 -25.51 8.37 -16.30
C SER B 34 -25.89 7.72 -17.63
N ASP B 35 -26.68 6.65 -17.61
CA ASP B 35 -27.00 5.95 -18.83
C ASP B 35 -27.88 6.81 -19.73
N ILE B 36 -27.54 6.85 -21.02
CA ILE B 36 -28.17 7.77 -21.96
C ILE B 36 -27.85 7.29 -23.36
N GLU B 37 -28.86 7.32 -24.24
CA GLU B 37 -28.70 6.91 -25.62
C GLU B 37 -28.55 8.15 -26.49
N VAL B 38 -27.52 8.15 -27.34
CA VAL B 38 -27.24 9.29 -28.22
C VAL B 38 -26.88 8.77 -29.60
N ASP B 39 -27.57 9.29 -30.62
CA ASP B 39 -27.28 8.98 -32.01
C ASP B 39 -27.21 10.27 -32.82
N LEU B 40 -26.31 10.30 -33.78
CA LEU B 40 -26.21 11.43 -34.71
C LEU B 40 -26.88 11.05 -36.03
N LEU B 41 -27.64 11.99 -36.59
CA LEU B 41 -28.51 11.72 -37.72
C LEU B 41 -28.12 12.56 -38.92
N LYS B 42 -28.09 11.92 -40.09
CA LYS B 42 -27.87 12.57 -41.38
C LYS B 42 -29.12 12.35 -42.22
N ASN B 43 -29.90 13.42 -42.41
CA ASN B 43 -31.14 13.35 -43.17
C ASN B 43 -32.12 12.36 -42.53
N GLY B 44 -32.06 12.26 -41.20
CA GLY B 44 -32.94 11.39 -40.46
C GLY B 44 -32.48 9.95 -40.31
N GLU B 45 -31.41 9.56 -40.99
CA GLU B 45 -30.88 8.21 -40.90
C GLU B 45 -29.75 8.15 -39.88
N ARG B 46 -29.59 6.98 -39.28
CA ARG B 46 -28.69 6.81 -38.15
C ARG B 46 -27.24 6.66 -38.62
N ILE B 47 -26.37 7.55 -38.15
CA ILE B 47 -24.94 7.49 -38.48
C ILE B 47 -24.29 6.47 -37.55
N GLU B 48 -23.61 5.48 -38.13
CA GLU B 48 -23.11 4.36 -37.34
C GLU B 48 -21.77 4.68 -36.69
N LYS B 49 -20.87 5.35 -37.41
CA LYS B 49 -19.51 5.59 -36.92
C LYS B 49 -19.50 6.86 -36.06
N VAL B 50 -19.84 6.68 -34.79
CA VAL B 50 -19.88 7.78 -33.83
C VAL B 50 -19.04 7.39 -32.62
N GLU B 51 -18.12 8.26 -32.23
CA GLU B 51 -17.32 8.10 -31.02
C GLU B 51 -17.84 9.08 -29.96
N HIS B 52 -17.42 8.85 -28.71
CA HIS B 52 -17.84 9.71 -27.62
C HIS B 52 -16.74 9.79 -26.57
N SER B 53 -16.79 10.86 -25.79
CA SER B 53 -15.79 11.11 -24.76
C SER B 53 -15.99 10.18 -23.57
N ASP B 54 -14.98 10.15 -22.69
CA ASP B 54 -15.09 9.38 -21.47
C ASP B 54 -16.01 10.09 -20.49
N LEU B 55 -16.88 9.32 -19.83
CA LEU B 55 -17.90 9.90 -18.98
C LEU B 55 -17.27 10.62 -17.79
N SER B 56 -17.60 11.91 -17.65
CA SER B 56 -17.19 12.71 -16.50
C SER B 56 -18.44 13.37 -15.92
N PHE B 57 -18.27 14.12 -14.84
CA PHE B 57 -19.39 14.83 -14.23
C PHE B 57 -18.92 16.20 -13.77
N SER B 58 -19.89 17.10 -13.56
CA SER B 58 -19.60 18.49 -13.28
C SER B 58 -19.55 18.73 -11.77
N LYS B 59 -19.55 20.00 -11.38
CA LYS B 59 -19.40 20.36 -9.97
C LYS B 59 -20.66 20.08 -9.16
N ASP B 60 -21.80 19.89 -9.82
CA ASP B 60 -23.05 19.56 -9.15
C ASP B 60 -23.40 18.08 -9.26
N TRP B 61 -22.42 17.23 -9.59
CA TRP B 61 -22.49 15.79 -9.72
C TRP B 61 -23.21 15.34 -10.99
N SER B 62 -23.77 16.25 -11.77
CA SER B 62 -24.43 15.87 -13.02
C SER B 62 -23.39 15.56 -14.10
N PHE B 63 -23.73 14.63 -14.97
CA PHE B 63 -22.79 14.13 -15.98
C PHE B 63 -22.81 15.01 -17.23
N TYR B 64 -21.83 14.76 -18.10
CA TYR B 64 -21.78 15.39 -19.41
C TYR B 64 -21.00 14.49 -20.37
N LEU B 65 -21.40 14.52 -21.63
CA LEU B 65 -20.78 13.68 -22.65
C LEU B 65 -20.76 14.45 -23.97
N LEU B 66 -19.82 14.05 -24.84
CA LEU B 66 -19.66 14.64 -26.16
C LEU B 66 -19.61 13.51 -27.18
N TYR B 67 -20.64 13.41 -28.02
CA TYR B 67 -20.66 12.47 -29.13
C TYR B 67 -20.30 13.22 -30.41
N TYR B 68 -19.47 12.60 -31.25
CA TYR B 68 -18.97 13.30 -32.42
C TYR B 68 -18.71 12.33 -33.55
N THR B 69 -18.81 12.83 -34.78
CA THR B 69 -18.47 12.03 -35.95
C THR B 69 -18.03 12.97 -37.07
N GLU B 70 -17.14 12.49 -37.92
CA GLU B 70 -16.67 13.29 -39.04
C GLU B 70 -17.69 13.30 -40.16
N PHE B 71 -17.93 14.48 -40.73
CA PHE B 71 -18.92 14.63 -41.79
C PHE B 71 -18.50 15.76 -42.72
N THR B 72 -18.94 15.67 -43.96
CA THR B 72 -18.71 16.73 -44.95
C THR B 72 -20.03 17.43 -45.21
N PRO B 73 -20.28 18.58 -44.59
CA PRO B 73 -21.60 19.22 -44.73
C PRO B 73 -21.82 19.75 -46.14
N THR B 74 -23.02 19.55 -46.64
CA THR B 74 -23.47 20.11 -47.91
C THR B 74 -24.70 20.98 -47.66
N GLU B 75 -25.13 21.68 -48.70
CA GLU B 75 -26.28 22.57 -48.56
C GLU B 75 -27.59 21.79 -48.41
N LYS B 76 -27.68 20.62 -49.06
CA LYS B 76 -28.90 19.83 -48.99
C LYS B 76 -28.97 19.01 -47.70
N ASP B 77 -27.83 18.48 -47.26
CA ASP B 77 -27.81 17.59 -46.11
C ASP B 77 -28.16 18.32 -44.82
N GLU B 78 -29.02 17.70 -44.02
CA GLU B 78 -29.37 18.18 -42.69
C GLU B 78 -28.96 17.13 -41.67
N TYR B 79 -28.51 17.59 -40.51
CA TYR B 79 -28.03 16.71 -39.46
C TYR B 79 -28.76 17.03 -38.16
N ALA B 80 -28.73 16.08 -37.23
CA ALA B 80 -29.45 16.23 -35.97
C ALA B 80 -28.83 15.32 -34.92
N CYS B 81 -29.33 15.47 -33.68
CA CYS B 81 -28.93 14.64 -32.57
C CYS B 81 -30.17 14.10 -31.89
N ARG B 82 -30.16 12.80 -31.57
CA ARG B 82 -31.31 12.10 -31.00
C ARG B 82 -30.87 11.47 -29.69
N VAL B 83 -31.51 11.87 -28.59
CA VAL B 83 -31.09 11.49 -27.24
C VAL B 83 -32.27 10.92 -26.48
N ASN B 84 -32.08 9.76 -25.87
CA ASN B 84 -33.06 9.12 -25.02
C ASN B 84 -32.50 8.96 -23.62
N HIS B 85 -33.39 9.08 -22.63
CA HIS B 85 -33.02 9.05 -21.22
C HIS B 85 -34.25 8.64 -20.42
N VAL B 86 -34.02 8.21 -19.17
CA VAL B 86 -35.12 7.79 -18.32
C VAL B 86 -36.06 8.94 -18.01
N THR B 87 -35.58 10.18 -18.08
CA THR B 87 -36.42 11.34 -17.87
C THR B 87 -37.19 11.75 -19.13
N LEU B 88 -37.07 10.99 -20.21
CA LEU B 88 -37.73 11.30 -21.47
C LEU B 88 -38.68 10.17 -21.84
N SER B 89 -39.97 10.49 -21.93
CA SER B 89 -40.94 9.52 -22.42
C SER B 89 -40.73 9.19 -23.89
N GLN B 90 -39.98 10.01 -24.60
CA GLN B 90 -39.71 9.82 -26.03
C GLN B 90 -38.35 10.42 -26.33
N PRO B 91 -37.70 9.99 -27.41
CA PRO B 91 -36.43 10.60 -27.79
C PRO B 91 -36.59 12.08 -28.09
N LYS B 92 -35.56 12.84 -27.73
CA LYS B 92 -35.50 14.28 -27.99
C LYS B 92 -34.53 14.51 -29.15
N ILE B 93 -35.00 15.23 -30.16
CA ILE B 93 -34.23 15.47 -31.38
C ILE B 93 -33.94 16.96 -31.47
N VAL B 94 -32.66 17.30 -31.58
CA VAL B 94 -32.21 18.68 -31.78
C VAL B 94 -31.60 18.76 -33.18
N LYS B 95 -32.21 19.56 -34.04
CA LYS B 95 -31.68 19.72 -35.39
C LYS B 95 -30.44 20.59 -35.38
N TRP B 96 -29.59 20.39 -36.38
CA TRP B 96 -28.36 21.16 -36.50
C TRP B 96 -28.66 22.48 -37.20
N ASP B 97 -28.48 23.59 -36.48
CA ASP B 97 -28.55 24.92 -37.04
C ASP B 97 -27.15 25.43 -37.29
N ARG B 98 -26.93 26.03 -38.47
CA ARG B 98 -25.66 26.66 -38.76
C ARG B 98 -25.36 27.80 -37.79
N ASP B 99 -26.38 28.29 -37.09
CA ASP B 99 -26.20 29.25 -36.00
C ASP B 99 -27.04 28.80 -34.81
N GLU C 1 -1.38 12.00 -10.60
CA GLU C 1 -1.26 10.62 -10.17
C GLU C 1 -2.33 10.27 -9.14
N LEU C 2 -2.81 9.02 -9.20
CA LEU C 2 -3.85 8.59 -8.28
C LEU C 2 -3.33 8.57 -6.85
N ALA C 3 -4.27 8.68 -5.92
CA ALA C 3 -3.97 8.56 -4.50
C ALA C 3 -3.80 7.10 -4.12
N GLY C 4 -2.63 6.76 -3.58
CA GLY C 4 -2.38 5.43 -3.07
C GLY C 4 -2.78 5.22 -1.64
N ILE C 5 -3.29 6.27 -0.98
CA ILE C 5 -3.72 6.20 0.41
C ILE C 5 -5.02 6.97 0.55
N GLY C 6 -5.72 6.70 1.65
CA GLY C 6 -6.91 7.48 1.99
C GLY C 6 -8.19 7.08 1.31
N ILE C 7 -8.26 5.87 0.77
CA ILE C 7 -9.47 5.37 0.10
C ILE C 7 -10.01 4.25 0.97
N LEU C 8 -11.02 4.56 1.78
CA LEU C 8 -11.59 3.60 2.73
C LEU C 8 -13.07 3.37 2.39
N THR C 9 -13.51 2.13 2.57
CA THR C 9 -14.91 1.80 2.35
C THR C 9 -15.80 2.55 3.33
N VAL C 10 -17.01 2.88 2.87
CA VAL C 10 -17.96 3.63 3.69
C VAL C 10 -18.56 2.74 4.77
N LYS D 2 8.20 -3.91 -6.88
CA LYS D 2 9.46 -4.62 -6.71
C LYS D 2 10.62 -3.65 -6.58
N GLU D 3 11.80 -4.18 -6.22
CA GLU D 3 13.02 -3.41 -6.02
C GLU D 3 12.90 -2.48 -4.82
N VAL D 4 13.10 -3.03 -3.63
CA VAL D 4 13.27 -2.26 -2.39
C VAL D 4 14.52 -2.77 -1.71
N GLU D 5 15.49 -1.89 -1.48
CA GLU D 5 16.79 -2.33 -1.00
C GLU D 5 17.25 -1.43 0.13
N GLN D 6 17.80 -2.05 1.18
CA GLN D 6 18.30 -1.33 2.34
C GLN D 6 19.80 -1.57 2.47
N ASN D 7 20.39 -0.96 3.49
CA ASN D 7 21.73 -1.33 3.92
C ASN D 7 21.72 -2.81 4.29
N SER D 8 22.54 -3.60 3.60
CA SER D 8 22.45 -5.05 3.72
C SER D 8 22.68 -5.52 5.15
N GLY D 9 23.74 -5.01 5.78
CA GLY D 9 24.07 -5.41 7.13
C GLY D 9 24.80 -6.73 7.15
N PRO D 10 25.07 -7.27 8.36
CA PRO D 10 24.69 -6.69 9.65
C PRO D 10 25.56 -5.50 10.08
N LEU D 11 24.95 -4.59 10.82
CA LEU D 11 25.62 -3.40 11.34
C LEU D 11 25.75 -3.52 12.86
N SER D 12 26.69 -2.76 13.41
CA SER D 12 26.99 -2.78 14.84
C SER D 12 27.03 -1.36 15.37
N VAL D 13 26.24 -1.09 16.41
CA VAL D 13 26.29 0.22 17.06
C VAL D 13 26.41 0.00 18.56
N PRO D 14 27.31 0.70 19.24
CA PRO D 14 27.48 0.50 20.68
C PRO D 14 26.33 1.10 21.48
N GLU D 15 26.21 0.60 22.70
CA GLU D 15 25.10 0.97 23.57
C GLU D 15 25.12 2.47 23.87
N GLY D 16 23.95 3.10 23.72
CA GLY D 16 23.79 4.50 24.03
C GLY D 16 24.05 5.46 22.88
N ALA D 17 24.43 4.97 21.71
CA ALA D 17 24.76 5.82 20.58
C ALA D 17 23.60 5.90 19.60
N ILE D 18 23.75 6.78 18.61
CA ILE D 18 22.75 6.97 17.57
C ILE D 18 23.07 6.06 16.39
N ALA D 19 22.07 5.29 15.95
CA ALA D 19 22.19 4.43 14.78
C ALA D 19 21.34 4.97 13.64
N SER D 20 21.71 4.59 12.43
CA SER D 20 21.04 5.09 11.23
C SER D 20 20.91 3.98 10.20
N LEU D 21 19.68 3.72 9.77
CA LEU D 21 19.37 2.79 8.70
C LEU D 21 18.77 3.56 7.52
N ASN D 22 19.02 3.06 6.31
CA ASN D 22 18.51 3.70 5.10
C ASN D 22 17.86 2.66 4.20
N CYS D 23 17.22 3.14 3.14
CA CYS D 23 16.41 2.31 2.26
C CYS D 23 16.01 3.11 1.03
N THR D 24 16.14 2.48 -0.15
CA THR D 24 15.76 3.05 -1.43
C THR D 24 14.78 2.14 -2.15
N TYR D 25 14.04 2.73 -3.08
CA TYR D 25 12.99 2.03 -3.81
C TYR D 25 12.95 2.54 -5.25
N SER D 26 12.19 1.83 -6.08
CA SER D 26 12.23 2.12 -7.52
C SER D 26 11.05 3.00 -7.96
N TYR D 27 9.87 2.76 -7.42
CA TYR D 27 8.65 3.44 -7.88
C TYR D 27 8.61 4.86 -7.34
N ARG D 28 8.76 5.83 -8.23
CA ARG D 28 8.73 7.24 -7.82
C ARG D 28 7.36 7.61 -7.22
N GLY D 29 6.29 7.01 -7.72
CA GLY D 29 4.95 7.30 -7.23
C GLY D 29 4.59 6.70 -5.89
N SER D 30 5.55 6.21 -5.13
CA SER D 30 5.24 5.64 -3.82
C SER D 30 4.85 6.73 -2.84
N GLN D 31 3.80 6.47 -2.06
CA GLN D 31 3.23 7.50 -1.19
C GLN D 31 3.14 7.08 0.28
N SER D 32 3.52 5.86 0.63
CA SER D 32 3.50 5.43 2.02
C SER D 32 4.66 4.48 2.25
N PHE D 33 5.32 4.62 3.40
CA PHE D 33 6.53 3.88 3.71
C PHE D 33 6.51 3.47 5.18
N PHE D 34 7.05 2.29 5.47
CA PHE D 34 6.91 1.70 6.79
C PHE D 34 8.24 1.11 7.26
N TRP D 35 8.52 1.29 8.55
CA TRP D 35 9.65 0.67 9.22
C TRP D 35 9.11 -0.31 10.25
N TYR D 36 9.57 -1.56 10.15
CA TYR D 36 9.17 -2.65 11.03
C TYR D 36 10.37 -3.17 11.79
N ARG D 37 10.10 -3.77 12.95
CA ARG D 37 11.11 -4.39 13.80
C ARG D 37 10.79 -5.86 13.96
N GLN D 38 11.74 -6.72 13.60
CA GLN D 38 11.55 -8.17 13.66
C GLN D 38 12.69 -8.78 14.48
N TYR D 39 12.34 -9.28 15.67
CA TYR D 39 13.28 -10.11 16.41
C TYR D 39 13.30 -11.52 15.82
N SER D 40 14.39 -12.24 16.10
CA SER D 40 14.54 -13.58 15.55
C SER D 40 13.45 -14.51 16.08
N GLY D 41 12.65 -15.04 15.17
CA GLY D 41 11.56 -15.92 15.53
C GLY D 41 10.22 -15.24 15.74
N LYS D 42 10.16 -13.92 15.61
CA LYS D 42 8.93 -13.17 15.80
C LYS D 42 8.40 -12.68 14.45
N SER D 43 7.28 -11.98 14.50
CA SER D 43 6.66 -11.33 13.36
C SER D 43 7.02 -9.85 13.34
N PRO D 44 6.95 -9.20 12.18
CA PRO D 44 7.29 -7.77 12.11
C PRO D 44 6.38 -6.93 12.99
N GLU D 45 6.99 -6.21 13.92
CA GLU D 45 6.29 -5.25 14.76
C GLU D 45 6.46 -3.87 14.15
N LEU D 46 5.34 -3.20 13.85
CA LEU D 46 5.38 -1.90 13.19
C LEU D 46 6.07 -0.88 14.08
N ILE D 47 7.16 -0.29 13.56
CA ILE D 47 7.82 0.81 14.25
C ILE D 47 7.13 2.11 13.84
N MET D 48 7.25 2.46 12.56
CA MET D 48 6.78 3.78 12.14
C MET D 48 6.23 3.70 10.72
N PHE D 49 5.47 4.73 10.36
CA PHE D 49 5.04 4.97 8.99
C PHE D 49 5.29 6.43 8.65
N ILE D 50 5.49 6.71 7.37
CA ILE D 50 5.72 8.06 6.89
C ILE D 50 5.14 8.18 5.48
N ALA D 51 4.60 9.36 5.17
CA ALA D 51 3.96 9.60 3.89
C ALA D 51 4.43 10.91 3.27
N SER D 52 4.38 11.99 4.03
CA SER D 52 4.80 13.29 3.53
C SER D 52 6.32 13.42 3.59
N ASN D 53 6.86 14.22 2.67
CA ASN D 53 8.29 14.48 2.66
C ASN D 53 8.73 15.16 3.96
N GLY D 54 9.93 14.81 4.41
CA GLY D 54 10.51 15.45 5.58
C GLY D 54 10.79 14.46 6.69
N ASP D 55 10.72 14.97 7.92
CA ASP D 55 11.10 14.20 9.10
C ASP D 55 9.91 14.04 10.03
N LYS D 56 9.94 12.97 10.82
CA LYS D 56 8.86 12.62 11.74
C LYS D 56 9.47 12.02 13.00
N GLU D 57 9.09 12.55 14.16
CA GLU D 57 9.68 12.17 15.44
C GLU D 57 8.70 11.32 16.23
N ASP D 58 9.16 10.14 16.66
CA ASP D 58 8.40 9.22 17.52
C ASP D 58 9.36 8.74 18.61
N GLY D 59 9.45 9.51 19.69
CA GLY D 59 10.30 9.15 20.81
C GLY D 59 11.76 9.11 20.38
N ARG D 60 12.41 7.96 20.62
CA ARG D 60 13.79 7.74 20.22
C ARG D 60 13.94 7.52 18.72
N PHE D 61 12.85 7.30 17.99
CA PHE D 61 12.93 6.97 16.58
C PHE D 61 12.59 8.20 15.74
N THR D 62 13.23 8.29 14.57
CA THR D 62 13.01 9.39 13.64
C THR D 62 12.97 8.84 12.23
N ALA D 63 11.94 9.20 11.47
CA ALA D 63 11.83 8.80 10.08
C ALA D 63 12.12 10.00 9.19
N GLN D 64 12.89 9.78 8.13
CA GLN D 64 13.13 10.81 7.14
C GLN D 64 12.81 10.27 5.75
N LEU D 65 12.21 11.12 4.93
CA LEU D 65 11.70 10.71 3.62
C LEU D 65 11.95 11.81 2.61
N ASN D 66 12.54 11.43 1.48
CA ASN D 66 12.76 12.32 0.34
C ASN D 66 12.35 11.56 -0.92
N LYS D 67 11.17 11.90 -1.45
CA LYS D 67 10.70 11.28 -2.68
C LYS D 67 11.53 11.72 -3.88
N ALA D 68 12.14 12.91 -3.82
CA ALA D 68 12.89 13.44 -4.96
C ALA D 68 14.05 12.53 -5.34
N SER D 69 14.62 11.83 -4.36
CA SER D 69 15.69 10.87 -4.61
C SER D 69 15.30 9.44 -4.28
N GLN D 70 14.01 9.20 -4.02
CA GLN D 70 13.50 7.86 -3.69
C GLN D 70 14.26 7.27 -2.50
N TYR D 71 14.17 7.96 -1.37
CA TYR D 71 14.98 7.65 -0.21
C TYR D 71 14.15 7.74 1.06
N VAL D 72 14.34 6.77 1.96
CA VAL D 72 13.70 6.74 3.26
C VAL D 72 14.69 6.18 4.26
N SER D 73 14.61 6.64 5.51
CA SER D 73 15.61 6.27 6.50
C SER D 73 15.03 6.39 7.90
N LEU D 74 15.69 5.71 8.84
CA LEU D 74 15.27 5.64 10.24
C LEU D 74 16.48 5.85 11.13
N LEU D 75 16.33 6.71 12.13
CA LEU D 75 17.39 7.05 13.08
C LEU D 75 16.94 6.67 14.47
N ILE D 76 17.82 6.02 15.22
CA ILE D 76 17.52 5.53 16.56
C ILE D 76 18.47 6.19 17.55
N ARG D 77 17.91 6.88 18.54
CA ARG D 77 18.70 7.48 19.61
C ARG D 77 18.85 6.51 20.77
N ASP D 78 19.98 6.65 21.47
CA ASP D 78 20.26 5.87 22.69
C ASP D 78 20.06 4.38 22.45
N SER D 79 20.89 3.84 21.55
CA SER D 79 20.78 2.44 21.16
C SER D 79 20.89 1.52 22.37
N GLN D 80 19.81 0.81 22.64
CA GLN D 80 19.71 -0.11 23.77
C GLN D 80 19.93 -1.54 23.30
N PRO D 81 20.40 -2.42 24.19
CA PRO D 81 20.60 -3.83 23.79
C PRO D 81 19.32 -4.50 23.30
N SER D 82 18.15 -4.03 23.74
CA SER D 82 16.89 -4.59 23.27
C SER D 82 16.55 -4.17 21.84
N ASP D 83 17.28 -3.20 21.28
CA ASP D 83 17.03 -2.76 19.91
C ASP D 83 17.70 -3.66 18.87
N SER D 84 18.53 -4.61 19.29
CA SER D 84 19.16 -5.53 18.35
C SER D 84 18.11 -6.40 17.69
N ALA D 85 17.94 -6.23 16.38
CA ALA D 85 16.88 -6.92 15.65
C ALA D 85 17.06 -6.64 14.17
N THR D 86 16.27 -7.33 13.35
CA THR D 86 16.25 -7.11 11.91
C THR D 86 15.20 -6.07 11.59
N TYR D 87 15.63 -4.95 10.99
CA TYR D 87 14.75 -3.83 10.71
C TYR D 87 14.34 -3.87 9.24
N LEU D 88 13.04 -3.87 8.99
CA LEU D 88 12.48 -4.08 7.67
C LEU D 88 11.91 -2.79 7.10
N CYS D 89 12.20 -2.56 5.82
CA CYS D 89 11.72 -1.40 5.09
C CYS D 89 10.64 -1.84 4.10
N ALA D 90 9.47 -1.24 4.21
CA ALA D 90 8.32 -1.59 3.37
C ALA D 90 7.87 -0.37 2.57
N VAL D 91 7.69 -0.56 1.27
CA VAL D 91 7.24 0.49 0.36
C VAL D 91 6.01 0.01 -0.38
N ASN D 92 5.01 0.88 -0.49
CA ASN D 92 3.76 0.53 -1.18
C ASN D 92 3.87 0.94 -2.64
N PHE D 93 3.59 -0.02 -3.53
CA PHE D 93 3.69 0.18 -4.97
C PHE D 93 2.33 0.27 -5.65
N GLY D 94 1.35 0.87 -4.96
CA GLY D 94 0.02 1.00 -5.51
C GLY D 94 -0.84 -0.22 -5.25
N GLY D 95 -2.02 0.00 -4.65
CA GLY D 95 -2.89 -1.12 -4.32
C GLY D 95 -2.32 -1.91 -3.16
N GLY D 96 -2.45 -3.22 -3.24
CA GLY D 96 -1.95 -4.12 -2.21
C GLY D 96 -0.55 -4.62 -2.43
N LYS D 97 0.18 -4.08 -3.41
CA LYS D 97 1.55 -4.51 -3.69
C LYS D 97 2.49 -3.77 -2.74
N LEU D 98 2.62 -4.31 -1.53
CA LEU D 98 3.51 -3.78 -0.51
C LEU D 98 4.77 -4.64 -0.47
N ILE D 99 5.91 -4.05 -0.83
CA ILE D 99 7.16 -4.77 -1.02
C ILE D 99 8.10 -4.45 0.12
N PHE D 100 8.75 -5.49 0.66
CA PHE D 100 9.71 -5.36 1.74
C PHE D 100 11.13 -5.55 1.21
N GLY D 101 12.08 -4.90 1.87
CA GLY D 101 13.48 -5.09 1.57
C GLY D 101 14.03 -6.34 2.22
N GLN D 102 15.34 -6.54 2.09
CA GLN D 102 15.98 -7.71 2.67
C GLN D 102 16.06 -7.64 4.19
N GLY D 103 15.98 -6.44 4.76
CA GLY D 103 16.07 -6.29 6.20
C GLY D 103 17.50 -6.09 6.68
N THR D 104 17.72 -5.07 7.50
CA THR D 104 19.04 -4.75 8.02
C THR D 104 19.16 -5.23 9.45
N GLU D 105 20.04 -6.19 9.69
CA GLU D 105 20.27 -6.70 11.04
C GLU D 105 21.12 -5.71 11.83
N LEU D 106 20.55 -5.15 12.88
CA LEU D 106 21.24 -4.21 13.76
C LEU D 106 21.60 -4.90 15.07
N SER D 107 22.88 -4.85 15.41
CA SER D 107 23.41 -5.41 16.65
C SER D 107 23.89 -4.26 17.52
N VAL D 108 23.24 -4.07 18.67
CA VAL D 108 23.67 -3.08 19.66
C VAL D 108 24.62 -3.76 20.63
N LYS D 109 25.85 -3.26 20.69
CA LYS D 109 26.89 -3.88 21.50
C LYS D 109 26.81 -3.38 22.95
N PRO D 110 26.93 -4.31 23.89
CA PRO D 110 26.88 -3.94 25.30
C PRO D 110 28.20 -3.37 25.79
N ASN D 111 28.11 -2.55 26.84
CA ASN D 111 29.30 -2.02 27.49
C ASN D 111 29.79 -3.03 28.52
N ILE D 112 31.02 -3.48 28.37
CA ILE D 112 31.60 -4.49 29.26
C ILE D 112 32.27 -3.80 30.42
N GLN D 113 31.95 -4.22 31.64
CA GLN D 113 32.47 -3.57 32.84
C GLN D 113 33.93 -3.91 33.07
N ASN D 114 34.21 -5.17 33.43
CA ASN D 114 35.57 -5.62 33.71
C ASN D 114 35.85 -6.86 32.86
N PRO D 115 36.43 -6.68 31.67
CA PRO D 115 36.74 -7.85 30.83
C PRO D 115 37.71 -8.80 31.54
N ASP D 116 37.36 -10.09 31.52
CA ASP D 116 38.11 -11.11 32.25
C ASP D 116 38.06 -12.42 31.47
N PRO D 117 38.76 -12.50 30.33
CA PRO D 117 38.60 -13.66 29.45
C PRO D 117 38.96 -14.97 30.13
N ALA D 118 38.08 -15.96 29.99
CA ALA D 118 38.32 -17.24 30.64
C ALA D 118 37.69 -18.37 29.83
N VAL D 119 38.21 -19.58 30.03
CA VAL D 119 37.70 -20.78 29.39
C VAL D 119 37.62 -21.88 30.44
N TYR D 120 36.49 -22.57 30.50
CA TYR D 120 36.20 -23.55 31.54
C TYR D 120 35.67 -24.83 30.93
N GLN D 121 35.48 -25.83 31.79
CA GLN D 121 34.99 -27.16 31.43
C GLN D 121 33.77 -27.49 32.28
N LEU D 122 32.77 -28.11 31.66
CA LEU D 122 31.54 -28.49 32.35
C LEU D 122 31.33 -30.00 32.24
N ARG D 123 30.37 -30.50 33.02
CA ARG D 123 30.14 -31.94 33.09
C ARG D 123 28.65 -32.22 33.29
N ASP D 124 28.26 -33.45 32.99
CA ASP D 124 26.88 -33.90 33.16
C ASP D 124 26.90 -35.41 33.39
N SER D 125 25.76 -36.05 33.16
CA SER D 125 25.65 -37.51 33.28
C SER D 125 26.51 -38.21 32.24
N ASP D 129 26.98 -36.82 28.71
CA ASP D 129 27.10 -37.70 27.56
C ASP D 129 28.10 -37.13 26.55
N LYS D 130 28.38 -35.83 26.68
CA LYS D 130 29.33 -35.15 25.82
C LYS D 130 30.23 -34.26 26.69
N SER D 131 31.12 -33.52 26.04
CA SER D 131 32.07 -32.63 26.71
C SER D 131 31.87 -31.21 26.21
N VAL D 132 31.76 -30.27 27.16
CA VAL D 132 31.41 -28.89 26.87
C VAL D 132 32.42 -27.97 27.53
N CYS D 133 33.02 -27.08 26.74
CA CYS D 133 33.92 -26.04 27.20
C CYS D 133 33.32 -24.68 26.89
N LEU D 134 33.58 -23.71 27.79
CA LEU D 134 32.90 -22.42 27.76
C LEU D 134 33.92 -21.29 27.76
N PHE D 135 33.83 -20.41 26.77
CA PHE D 135 34.62 -19.19 26.70
C PHE D 135 33.73 -18.03 27.13
N THR D 136 34.17 -17.26 28.13
CA THR D 136 33.28 -16.29 28.74
C THR D 136 34.06 -15.09 29.28
N ASP D 137 33.29 -14.02 29.54
CA ASP D 137 33.77 -12.79 30.19
C ASP D 137 34.80 -12.06 29.33
N PHE D 138 34.56 -12.02 28.03
CA PHE D 138 35.41 -11.27 27.11
C PHE D 138 34.67 -10.06 26.58
N ASP D 139 35.43 -9.13 26.02
CA ASP D 139 34.84 -7.92 25.47
C ASP D 139 34.05 -8.22 24.20
N SER D 140 33.16 -7.30 23.84
CA SER D 140 32.35 -7.48 22.64
C SER D 140 33.19 -7.42 21.37
N GLN D 141 34.41 -6.89 21.45
CA GLN D 141 35.24 -6.76 20.26
C GLN D 141 35.82 -8.09 19.79
N THR D 142 35.77 -9.13 20.63
CA THR D 142 36.35 -10.42 20.27
C THR D 142 35.42 -11.20 19.36
N ASN D 143 35.96 -11.75 18.28
CA ASN D 143 35.21 -12.56 17.34
C ASN D 143 35.49 -14.04 17.61
N VAL D 144 34.55 -14.88 17.17
CA VAL D 144 34.59 -16.32 17.42
C VAL D 144 34.53 -17.06 16.09
N SER D 145 35.36 -18.08 15.94
CA SER D 145 35.40 -18.92 14.75
C SER D 145 34.55 -20.17 14.94
N GLN D 146 34.37 -20.91 13.85
CA GLN D 146 33.55 -22.12 13.85
C GLN D 146 34.20 -23.34 13.21
N SER D 147 35.31 -23.18 12.47
CA SER D 147 35.89 -24.26 11.70
C SER D 147 36.33 -25.42 12.58
N LYS D 148 37.59 -25.40 13.01
CA LYS D 148 38.14 -26.43 13.89
C LYS D 148 37.91 -27.84 13.33
N ASP D 149 36.80 -28.46 13.72
CA ASP D 149 36.49 -29.82 13.31
C ASP D 149 35.00 -30.10 13.52
N VAL D 152 33.43 -32.13 16.07
CA VAL D 152 33.49 -31.02 17.01
C VAL D 152 32.61 -29.88 16.53
N TYR D 153 31.84 -29.29 17.44
CA TYR D 153 30.87 -28.26 17.09
C TYR D 153 31.11 -27.03 17.97
N ILE D 154 31.16 -25.86 17.33
CA ILE D 154 31.46 -24.60 18.00
C ILE D 154 30.37 -23.61 17.62
N THR D 155 29.77 -22.96 18.61
CA THR D 155 28.67 -22.03 18.39
C THR D 155 29.17 -20.58 18.46
N ASP D 156 28.24 -19.64 18.43
CA ASP D 156 28.55 -18.23 18.29
C ASP D 156 28.50 -17.49 19.61
N LYS D 157 28.85 -16.21 19.56
CA LYS D 157 28.89 -15.35 20.73
C LYS D 157 27.47 -14.98 21.18
N CYS D 158 27.29 -14.86 22.49
CA CYS D 158 26.00 -14.53 23.08
C CYS D 158 26.22 -13.62 24.28
N VAL D 159 25.32 -12.66 24.46
CA VAL D 159 25.44 -11.64 25.50
C VAL D 159 24.31 -11.84 26.51
N LEU D 160 24.69 -12.12 27.76
CA LEU D 160 23.73 -12.29 28.85
C LEU D 160 23.76 -11.08 29.76
N ASP D 161 22.58 -10.70 30.26
CA ASP D 161 22.39 -9.57 31.17
C ASP D 161 21.99 -10.11 32.53
N MET D 162 22.79 -9.83 33.54
CA MET D 162 22.50 -10.30 34.89
C MET D 162 21.53 -9.39 35.65
N ARG D 163 21.00 -8.36 34.99
CA ARG D 163 19.92 -7.54 35.52
C ARG D 163 20.31 -6.79 36.80
N SER D 164 20.11 -7.42 37.96
CA SER D 164 20.29 -6.72 39.22
C SER D 164 21.76 -6.37 39.48
N MET D 165 22.69 -7.15 38.95
CA MET D 165 24.11 -6.90 39.21
C MET D 165 24.66 -5.73 38.40
N ASP D 166 23.86 -5.15 37.49
CA ASP D 166 24.34 -4.13 36.55
C ASP D 166 25.55 -4.65 35.78
N PHE D 167 25.46 -5.90 35.33
CA PHE D 167 26.59 -6.63 34.79
C PHE D 167 26.13 -7.48 33.62
N LYS D 168 26.87 -7.41 32.52
CA LYS D 168 26.64 -8.22 31.33
C LYS D 168 27.88 -9.06 31.05
N SER D 169 27.72 -10.07 30.19
CA SER D 169 28.84 -10.95 29.89
C SER D 169 28.67 -11.57 28.52
N ASN D 170 29.79 -11.78 27.84
CA ASN D 170 29.85 -12.49 26.58
C ASN D 170 30.23 -13.94 26.81
N SER D 171 29.72 -14.83 25.96
CA SER D 171 29.95 -16.26 26.13
C SER D 171 29.90 -16.96 24.78
N ALA D 172 30.47 -18.16 24.75
CA ALA D 172 30.53 -19.02 23.58
C ALA D 172 30.82 -20.43 24.06
N VAL D 173 30.31 -21.42 23.33
CA VAL D 173 30.34 -22.81 23.77
C VAL D 173 30.93 -23.69 22.66
N ALA D 174 31.73 -24.68 23.06
CA ALA D 174 32.20 -25.72 22.15
C ALA D 174 32.01 -27.07 22.81
N TRP D 175 31.65 -28.08 22.03
CA TRP D 175 31.38 -29.40 22.60
C TRP D 175 31.77 -30.48 21.61
N SER D 176 31.98 -31.68 22.13
CA SER D 176 32.31 -32.84 21.30
C SER D 176 32.21 -34.09 22.15
N ASN D 177 32.33 -35.24 21.47
CA ASN D 177 32.41 -36.53 22.14
C ASN D 177 33.75 -37.21 21.92
N LYS D 178 34.71 -36.50 21.31
CA LYS D 178 36.03 -37.03 21.01
C LYS D 178 36.95 -36.75 22.19
N SER D 179 37.66 -37.80 22.64
CA SER D 179 38.53 -37.65 23.80
C SER D 179 39.74 -36.77 23.53
N ASP D 180 40.07 -36.53 22.27
CA ASP D 180 41.17 -35.64 21.92
C ASP D 180 40.77 -34.17 22.01
N PHE D 181 39.52 -33.87 22.33
CA PHE D 181 39.06 -32.50 22.46
C PHE D 181 39.45 -31.95 23.83
N ALA D 182 39.78 -30.65 23.86
CA ALA D 182 40.24 -30.01 25.08
C ALA D 182 39.77 -28.58 25.12
N CYS D 183 39.88 -27.96 26.30
CA CYS D 183 39.52 -26.55 26.43
C CYS D 183 40.43 -25.67 25.60
N ALA D 184 41.75 -25.86 25.71
CA ALA D 184 42.70 -25.12 24.90
C ALA D 184 42.82 -25.76 23.52
N ASN D 185 41.69 -26.00 22.87
CA ASN D 185 41.66 -26.65 21.56
C ASN D 185 40.30 -26.50 20.92
N ASN D 188 39.74 -23.02 19.00
CA ASN D 188 40.51 -21.85 19.40
C ASN D 188 41.24 -21.24 18.19
N ASN D 189 40.64 -21.37 17.01
CA ASN D 189 41.26 -20.81 15.81
C ASN D 189 41.23 -19.29 15.83
N SER D 190 40.17 -18.71 16.37
CA SER D 190 40.04 -17.25 16.39
C SER D 190 41.07 -16.64 17.34
N ILE D 191 41.36 -15.36 17.11
CA ILE D 191 42.30 -14.63 17.96
C ILE D 191 41.71 -14.51 19.35
N ILE D 192 42.44 -14.99 20.35
CA ILE D 192 41.96 -14.96 21.74
C ILE D 192 43.06 -14.34 22.59
N PRO D 193 42.73 -13.45 23.54
CA PRO D 193 43.77 -12.85 24.37
C PRO D 193 44.55 -13.89 25.17
N GLU D 194 45.83 -13.60 25.38
CA GLU D 194 46.72 -14.54 26.07
C GLU D 194 46.43 -14.66 27.56
N ASP D 195 45.76 -13.69 28.16
CA ASP D 195 45.41 -13.76 29.58
C ASP D 195 44.18 -14.62 29.84
N THR D 196 43.82 -15.50 28.90
CA THR D 196 42.68 -16.40 29.08
C THR D 196 42.90 -17.29 30.30
N PHE D 197 42.11 -17.07 31.34
CA PHE D 197 42.24 -17.87 32.56
C PHE D 197 41.86 -19.32 32.29
N PHE D 198 42.75 -20.24 32.64
CA PHE D 198 42.51 -21.66 32.51
C PHE D 198 42.47 -22.31 33.89
N PRO D 199 41.65 -23.35 34.07
CA PRO D 199 41.57 -24.01 35.38
C PRO D 199 42.88 -24.70 35.74
N SER D 200 43.11 -24.83 37.03
CA SER D 200 44.33 -25.46 37.53
C SER D 200 44.07 -26.24 38.81
N ILE E 2 -10.48 -7.22 22.88
CA ILE E 2 -9.81 -6.48 21.83
C ILE E 2 -9.82 -7.28 20.53
N ALA E 3 -9.54 -6.60 19.42
CA ALA E 3 -9.52 -7.21 18.11
C ALA E 3 -8.09 -7.31 17.59
N GLY E 4 -7.83 -8.35 16.80
CA GLY E 4 -6.52 -8.58 16.26
C GLY E 4 -6.56 -9.45 15.02
N ILE E 5 -5.43 -10.11 14.75
CA ILE E 5 -5.29 -10.99 13.59
C ILE E 5 -4.62 -12.28 14.05
N THR E 6 -5.10 -13.41 13.53
CA THR E 6 -4.66 -14.73 13.96
C THR E 6 -4.38 -15.62 12.75
N GLN E 7 -3.26 -16.32 12.81
CA GLN E 7 -2.91 -17.35 11.84
C GLN E 7 -3.02 -18.71 12.50
N ALA E 8 -3.27 -19.74 11.68
CA ALA E 8 -3.38 -21.08 12.21
C ALA E 8 -3.13 -22.04 11.05
N PRO E 9 -2.18 -22.99 11.19
CA PRO E 9 -1.41 -23.22 12.41
C PRO E 9 -0.20 -22.30 12.55
N THR E 10 0.51 -22.41 13.66
CA THR E 10 1.78 -21.73 13.84
C THR E 10 2.98 -22.63 13.52
N SER E 11 2.73 -23.91 13.25
CA SER E 11 3.80 -24.85 12.90
C SER E 11 3.16 -26.06 12.23
N GLN E 12 3.80 -26.55 11.18
CA GLN E 12 3.29 -27.69 10.43
C GLN E 12 4.42 -28.28 9.60
N ILE E 13 4.51 -29.61 9.61
CA ILE E 13 5.46 -30.36 8.79
C ILE E 13 4.66 -31.12 7.74
N LEU E 14 5.11 -31.04 6.49
CA LEU E 14 4.39 -31.62 5.37
C LEU E 14 5.25 -32.64 4.62
N ALA E 15 4.64 -33.74 4.22
CA ALA E 15 5.25 -34.67 3.29
C ALA E 15 4.98 -34.20 1.87
N ALA E 16 6.03 -34.18 1.03
CA ALA E 16 5.91 -33.63 -0.31
C ALA E 16 4.80 -34.33 -1.10
N GLY E 17 3.90 -33.52 -1.66
CA GLY E 17 2.76 -34.01 -2.41
C GLY E 17 1.43 -33.73 -1.75
N ARG E 18 1.42 -33.56 -0.42
CA ARG E 18 0.19 -33.30 0.30
C ARG E 18 -0.27 -31.85 0.11
N ARG E 19 -1.49 -31.58 0.56
CA ARG E 19 -2.10 -30.26 0.47
C ARG E 19 -2.30 -29.69 1.87
N MET E 20 -2.11 -28.39 2.00
CA MET E 20 -2.24 -27.75 3.31
C MET E 20 -2.66 -26.31 3.15
N THR E 21 -3.58 -25.86 3.99
CA THR E 21 -4.12 -24.51 3.94
C THR E 21 -3.85 -23.79 5.25
N LEU E 22 -3.12 -22.68 5.18
CA LEU E 22 -2.90 -21.82 6.33
C LEU E 22 -4.06 -20.84 6.43
N ARG E 23 -4.79 -20.90 7.55
CA ARG E 23 -5.88 -19.98 7.81
C ARG E 23 -5.35 -18.68 8.40
N CYS E 24 -5.98 -17.58 8.00
CA CYS E 24 -5.71 -16.26 8.57
C CYS E 24 -7.02 -15.51 8.71
N THR E 25 -7.27 -14.97 9.91
CA THR E 25 -8.49 -14.24 10.17
C THR E 25 -8.17 -12.96 10.92
N GLN E 26 -9.07 -11.97 10.79
CA GLN E 26 -8.90 -10.70 11.48
C GLN E 26 -10.28 -10.14 11.80
N ASP E 27 -10.39 -9.53 12.98
CA ASP E 27 -11.67 -9.01 13.48
C ASP E 27 -11.86 -7.53 13.19
N MET E 28 -10.78 -6.76 13.11
CA MET E 28 -10.83 -5.30 13.21
C MET E 28 -11.28 -4.61 11.92
N ARG E 29 -12.19 -5.22 11.18
CA ARG E 29 -12.85 -4.59 10.02
C ARG E 29 -11.86 -4.12 8.96
N HIS E 30 -10.72 -4.80 8.81
CA HIS E 30 -9.73 -4.39 7.84
C HIS E 30 -10.10 -4.87 6.45
N ASN E 31 -9.93 -3.99 5.46
CA ASN E 31 -10.25 -4.35 4.09
C ASN E 31 -9.12 -5.13 3.43
N ALA E 32 -7.89 -4.61 3.51
CA ALA E 32 -6.77 -5.22 2.81
C ALA E 32 -6.16 -6.33 3.66
N MET E 33 -5.74 -7.41 3.01
CA MET E 33 -5.06 -8.51 3.67
C MET E 33 -3.93 -9.00 2.79
N TYR E 34 -2.90 -9.57 3.42
CA TYR E 34 -1.67 -9.90 2.72
C TYR E 34 -1.16 -11.26 3.19
N TRP E 35 -0.56 -11.99 2.24
CA TRP E 35 0.18 -13.22 2.52
C TRP E 35 1.60 -13.07 2.01
N TYR E 36 2.56 -13.14 2.94
CA TYR E 36 3.99 -13.02 2.68
C TYR E 36 4.70 -14.34 2.98
N ARG E 37 5.77 -14.59 2.23
CA ARG E 37 6.66 -15.72 2.46
C ARG E 37 8.03 -15.18 2.84
N GLN E 38 8.55 -15.61 4.00
CA GLN E 38 9.87 -15.22 4.45
C GLN E 38 10.78 -16.44 4.48
N ASP E 39 11.86 -16.38 3.70
CA ASP E 39 12.98 -17.31 3.82
C ASP E 39 14.08 -16.60 4.57
N LEU E 40 14.58 -17.24 5.64
CA LEU E 40 15.43 -16.56 6.61
C LEU E 40 16.73 -16.03 6.01
N GLY E 41 17.07 -16.41 4.78
CA GLY E 41 18.20 -15.80 4.11
C GLY E 41 17.90 -14.45 3.48
N LEU E 42 16.64 -14.04 3.49
CA LEU E 42 16.21 -12.78 2.89
C LEU E 42 15.16 -12.16 3.81
N GLY E 43 14.55 -11.07 3.33
CA GLY E 43 13.31 -10.59 3.91
C GLY E 43 12.13 -11.34 3.32
N LEU E 44 10.94 -11.00 3.80
CA LEU E 44 9.73 -11.64 3.30
C LEU E 44 9.27 -10.99 1.99
N ARG E 45 8.77 -11.83 1.09
CA ARG E 45 8.29 -11.40 -0.22
C ARG E 45 6.79 -11.59 -0.30
N LEU E 46 6.13 -10.74 -1.07
CA LEU E 46 4.68 -10.77 -1.17
C LEU E 46 4.21 -11.96 -2.00
N ILE E 47 3.44 -12.85 -1.37
CA ILE E 47 2.79 -13.94 -2.10
C ILE E 47 1.54 -13.40 -2.75
N HIS E 48 0.56 -13.02 -1.93
CA HIS E 48 -0.72 -12.56 -2.46
C HIS E 48 -1.21 -11.38 -1.64
N TYR E 49 -2.11 -10.60 -2.24
CA TYR E 49 -2.77 -9.52 -1.54
C TYR E 49 -4.25 -9.51 -1.90
N SER E 50 -5.03 -8.75 -1.13
CA SER E 50 -6.47 -8.67 -1.32
C SER E 50 -6.92 -7.29 -0.84
N ASN E 51 -7.33 -6.44 -1.78
CA ASN E 51 -7.71 -5.07 -1.43
C ASN E 51 -9.01 -5.05 -0.63
N THR E 52 -10.02 -5.78 -1.11
CA THR E 52 -11.32 -5.80 -0.47
C THR E 52 -11.80 -7.24 -0.32
N ALA E 53 -12.93 -7.40 0.36
CA ALA E 53 -13.58 -8.70 0.46
C ALA E 53 -14.21 -9.05 -0.90
N GLY E 54 -13.88 -10.23 -1.41
CA GLY E 54 -14.37 -10.67 -2.70
C GLY E 54 -13.37 -10.53 -3.84
N THR E 55 -12.32 -9.73 -3.64
CA THR E 55 -11.30 -9.50 -4.67
C THR E 55 -9.93 -9.87 -4.13
N THR E 56 -9.10 -10.42 -5.01
CA THR E 56 -7.75 -10.82 -4.67
C THR E 56 -6.78 -10.30 -5.72
N GLY E 57 -5.49 -10.37 -5.39
CA GLY E 57 -4.45 -9.95 -6.31
C GLY E 57 -3.22 -10.83 -6.18
N LYS E 58 -2.49 -10.96 -7.28
CA LYS E 58 -1.26 -11.71 -7.32
C LYS E 58 -0.08 -10.77 -7.18
N GLY E 59 0.89 -11.16 -6.35
CA GLY E 59 1.96 -10.27 -5.97
C GLY E 59 3.34 -10.66 -6.43
N GLU E 60 4.33 -10.51 -5.54
CA GLU E 60 5.73 -10.68 -5.94
C GLU E 60 6.04 -12.14 -6.23
N VAL E 61 5.63 -13.05 -5.36
CA VAL E 61 5.88 -14.48 -5.55
C VAL E 61 4.57 -15.24 -5.46
N PRO E 62 3.78 -15.33 -6.53
CA PRO E 62 2.49 -16.03 -6.44
C PRO E 62 2.54 -17.46 -6.94
N ASP E 63 3.68 -17.88 -7.48
CA ASP E 63 3.79 -19.19 -8.11
C ASP E 63 3.61 -20.31 -7.09
N GLY E 64 2.57 -21.12 -7.27
CA GLY E 64 2.35 -22.30 -6.47
C GLY E 64 1.36 -22.15 -5.32
N TYR E 65 0.75 -20.97 -5.17
CA TYR E 65 -0.13 -20.69 -4.05
C TYR E 65 -1.51 -20.28 -4.55
N SER E 66 -2.54 -20.67 -3.81
CA SER E 66 -3.91 -20.24 -4.07
C SER E 66 -4.41 -19.43 -2.88
N VAL E 67 -5.41 -18.60 -3.13
CA VAL E 67 -6.02 -17.78 -2.09
C VAL E 67 -7.52 -17.67 -2.36
N SER E 68 -8.23 -17.10 -1.39
CA SER E 68 -9.65 -16.82 -1.53
C SER E 68 -10.01 -15.73 -0.52
N ARG E 69 -10.93 -14.85 -0.95
CA ARG E 69 -11.42 -13.77 -0.10
C ARG E 69 -12.95 -13.78 -0.12
N ALA E 70 -13.52 -14.86 0.40
CA ALA E 70 -14.98 -15.00 0.38
C ALA E 70 -15.65 -13.94 1.25
N ASN E 71 -14.96 -13.47 2.28
CA ASN E 71 -15.50 -12.48 3.19
C ASN E 71 -14.37 -11.55 3.61
N THR E 72 -14.69 -10.63 4.53
CA THR E 72 -13.72 -9.63 4.97
C THR E 72 -12.69 -10.22 5.93
N ASP E 73 -13.12 -11.13 6.80
CA ASP E 73 -12.28 -11.56 7.90
C ASP E 73 -11.22 -12.59 7.49
N ASP E 74 -11.53 -13.45 6.53
CA ASP E 74 -10.69 -14.59 6.21
C ASP E 74 -9.93 -14.38 4.91
N PHE E 75 -8.70 -14.90 4.85
CA PHE E 75 -7.86 -14.84 3.66
C PHE E 75 -6.89 -16.01 3.68
N PRO E 76 -7.38 -17.22 3.45
CA PRO E 76 -6.52 -18.39 3.59
C PRO E 76 -5.55 -18.55 2.44
N LEU E 77 -4.43 -19.23 2.71
CA LEU E 77 -3.39 -19.51 1.73
C LEU E 77 -3.29 -21.01 1.55
N THR E 78 -3.53 -21.49 0.33
CA THR E 78 -3.60 -22.92 0.06
C THR E 78 -2.40 -23.36 -0.78
N LEU E 79 -1.68 -24.36 -0.28
CA LEU E 79 -0.63 -25.05 -1.02
C LEU E 79 -1.19 -26.40 -1.48
N ALA E 80 -1.37 -26.54 -2.79
CA ALA E 80 -1.99 -27.74 -3.35
C ALA E 80 -1.03 -28.92 -3.36
N SER E 81 0.10 -28.79 -4.06
CA SER E 81 1.10 -29.85 -4.16
C SER E 81 2.36 -29.35 -3.46
N ALA E 82 2.55 -29.81 -2.22
CA ALA E 82 3.70 -29.35 -1.43
C ALA E 82 4.99 -29.89 -2.04
N VAL E 83 5.95 -28.99 -2.24
CA VAL E 83 7.26 -29.38 -2.76
C VAL E 83 8.30 -28.94 -1.73
N PRO E 84 9.47 -29.58 -1.71
CA PRO E 84 10.47 -29.25 -0.69
C PRO E 84 10.94 -27.81 -0.72
N SER E 85 10.90 -27.16 -1.88
CA SER E 85 11.37 -25.78 -1.99
C SER E 85 10.43 -24.78 -1.33
N GLN E 86 9.25 -25.23 -0.88
CA GLN E 86 8.28 -24.34 -0.23
C GLN E 86 8.50 -24.25 1.28
N THR E 87 9.59 -24.82 1.81
CA THR E 87 9.89 -24.69 3.22
C THR E 87 10.25 -23.24 3.54
N SER E 88 9.43 -22.60 4.37
CA SER E 88 9.61 -21.17 4.68
C SER E 88 8.75 -20.84 5.89
N VAL E 89 8.80 -19.57 6.29
CA VAL E 89 7.97 -19.04 7.37
C VAL E 89 6.98 -18.07 6.76
N TYR E 90 5.69 -18.41 6.84
CA TYR E 90 4.64 -17.66 6.18
C TYR E 90 3.96 -16.72 7.17
N PHE E 91 3.78 -15.47 6.74
CA PHE E 91 3.18 -14.44 7.59
C PHE E 91 1.93 -13.87 6.91
N CYS E 92 0.92 -13.59 7.72
CA CYS E 92 -0.29 -12.94 7.25
C CYS E 92 -0.37 -11.54 7.84
N ALA E 93 -0.92 -10.60 7.06
CA ALA E 93 -1.06 -9.23 7.50
C ALA E 93 -2.42 -8.70 7.08
N SER E 94 -2.77 -7.55 7.64
CA SER E 94 -4.03 -6.89 7.31
C SER E 94 -3.88 -5.39 7.55
N SER E 95 -4.65 -4.60 6.80
CA SER E 95 -4.61 -3.16 6.91
C SER E 95 -5.97 -2.59 6.57
N TRP E 96 -6.25 -1.41 7.14
CA TRP E 96 -7.51 -0.72 6.89
C TRP E 96 -7.77 -0.55 5.40
N SER E 97 -6.91 0.22 4.73
CA SER E 97 -7.02 0.47 3.31
C SER E 97 -5.73 0.07 2.62
N PHE E 98 -5.81 -0.08 1.30
CA PHE E 98 -4.61 -0.38 0.52
C PHE E 98 -3.63 0.77 0.62
N GLY E 99 -2.39 0.45 0.98
CA GLY E 99 -1.36 1.44 1.20
C GLY E 99 -1.16 1.86 2.64
N THR E 100 -2.05 1.46 3.54
CA THR E 100 -1.90 1.80 4.94
C THR E 100 -1.03 0.75 5.65
N GLU E 101 -0.81 0.96 6.95
CA GLU E 101 0.11 0.12 7.70
C GLU E 101 -0.45 -1.29 7.87
N ALA E 102 0.39 -2.29 7.62
CA ALA E 102 -0.01 -3.69 7.74
C ALA E 102 0.41 -4.23 9.11
N PHE E 103 -0.50 -4.96 9.74
CA PHE E 103 -0.26 -5.57 11.05
C PHE E 103 -0.15 -7.07 10.89
N PHE E 104 0.95 -7.65 11.38
CA PHE E 104 1.25 -9.05 11.18
C PHE E 104 0.75 -9.90 12.34
N GLY E 105 0.64 -11.19 12.08
CA GLY E 105 0.16 -12.14 13.07
C GLY E 105 1.28 -12.78 13.87
N GLN E 106 1.23 -14.11 14.00
CA GLN E 106 2.24 -14.84 14.76
C GLN E 106 3.22 -15.60 13.87
N GLY E 107 2.90 -15.79 12.60
CA GLY E 107 3.76 -16.54 11.71
C GLY E 107 3.45 -18.03 11.71
N THR E 108 3.98 -18.71 10.69
CA THR E 108 3.78 -20.15 10.53
C THR E 108 5.06 -20.75 9.98
N ARG E 109 5.78 -21.50 10.82
CA ARG E 109 6.97 -22.22 10.39
C ARG E 109 6.55 -23.48 9.64
N LEU E 110 6.76 -23.49 8.33
CA LEU E 110 6.32 -24.60 7.47
C LEU E 110 7.55 -25.25 6.85
N THR E 111 7.68 -26.56 7.03
CA THR E 111 8.79 -27.33 6.49
C THR E 111 8.24 -28.51 5.70
N VAL E 112 8.58 -28.57 4.42
CA VAL E 112 8.19 -29.69 3.55
C VAL E 112 9.39 -30.62 3.42
N VAL E 113 9.17 -31.90 3.70
CA VAL E 113 10.23 -32.90 3.65
C VAL E 113 9.91 -33.91 2.55
N GLU E 114 10.94 -34.40 1.88
CA GLU E 114 10.77 -35.47 0.91
C GLU E 114 10.46 -36.80 1.59
N ASP E 115 10.78 -36.92 2.88
CA ASP E 115 10.63 -38.17 3.60
C ASP E 115 10.35 -37.84 5.07
N LEU E 116 9.20 -38.29 5.57
CA LEU E 116 8.84 -38.03 6.96
C LEU E 116 9.80 -38.69 7.94
N ASN E 117 10.55 -39.70 7.49
CA ASN E 117 11.47 -40.41 8.37
C ASN E 117 12.73 -39.60 8.67
N LYS E 118 12.82 -38.35 8.20
CA LYS E 118 13.95 -37.48 8.49
C LYS E 118 13.64 -36.49 9.61
N VAL E 119 12.49 -36.61 10.25
CA VAL E 119 12.13 -35.75 11.37
C VAL E 119 12.58 -36.44 12.65
N PHE E 120 13.18 -35.66 13.56
CA PHE E 120 13.75 -36.22 14.78
C PHE E 120 13.56 -35.26 15.96
N PRO E 121 13.28 -35.79 17.15
CA PRO E 121 13.21 -34.95 18.34
C PRO E 121 14.60 -34.72 18.92
N PRO E 122 14.77 -33.72 19.78
CA PRO E 122 16.10 -33.39 20.28
C PRO E 122 16.51 -34.25 21.47
N GLU E 123 17.82 -34.33 21.67
CA GLU E 123 18.44 -34.92 22.85
C GLU E 123 19.01 -33.77 23.67
N VAL E 124 18.38 -33.48 24.80
CA VAL E 124 18.71 -32.32 25.62
C VAL E 124 19.53 -32.75 26.82
N ALA E 125 20.68 -32.12 27.02
CA ALA E 125 21.53 -32.37 28.17
C ALA E 125 21.98 -31.05 28.77
N VAL E 126 22.10 -31.02 30.09
CA VAL E 126 22.48 -29.82 30.83
C VAL E 126 23.81 -30.07 31.52
N PHE E 127 24.73 -29.13 31.36
CA PHE E 127 26.08 -29.21 31.89
C PHE E 127 26.26 -28.19 32.99
N GLU E 128 26.73 -28.66 34.16
CA GLU E 128 26.91 -27.95 35.42
C GLU E 128 28.16 -27.08 35.38
N PRO E 129 28.16 -25.96 36.11
CA PRO E 129 29.26 -25.00 36.02
C PRO E 129 30.57 -25.56 36.56
N SER E 130 31.62 -24.78 36.38
CA SER E 130 32.98 -25.13 36.81
C SER E 130 33.29 -24.55 38.18
N GLU E 131 33.95 -25.36 39.01
CA GLU E 131 34.40 -24.86 40.31
C GLU E 131 35.47 -23.79 40.15
N ALA E 132 36.29 -23.89 39.10
CA ALA E 132 37.29 -22.85 38.85
C ALA E 132 36.63 -21.54 38.48
N GLU E 133 35.54 -21.59 37.70
CA GLU E 133 34.76 -20.39 37.40
C GLU E 133 34.22 -19.76 38.68
N ILE E 134 33.85 -20.59 39.65
CA ILE E 134 33.38 -20.07 40.94
C ILE E 134 34.53 -19.40 41.69
N SER E 135 35.69 -20.06 41.72
CA SER E 135 36.81 -19.52 42.48
C SER E 135 37.37 -18.25 41.85
N HIS E 136 37.21 -18.07 40.54
CA HIS E 136 37.78 -16.92 39.87
C HIS E 136 36.79 -15.76 39.71
N THR E 137 35.53 -16.07 39.43
CA THR E 137 34.54 -15.04 39.13
C THR E 137 33.41 -14.94 40.13
N GLN E 138 33.24 -15.93 41.02
CA GLN E 138 32.11 -16.02 41.94
C GLN E 138 30.77 -16.05 41.19
N LYS E 139 30.79 -16.47 39.93
CA LYS E 139 29.59 -16.64 39.13
C LYS E 139 29.65 -18.02 38.46
N ALA E 140 28.48 -18.65 38.34
CA ALA E 140 28.36 -20.01 37.81
C ALA E 140 27.48 -19.98 36.57
N THR E 141 27.91 -20.69 35.53
CA THR E 141 27.21 -20.72 34.25
C THR E 141 26.87 -22.15 33.88
N LEU E 142 25.59 -22.41 33.63
CA LEU E 142 25.10 -23.70 33.17
C LEU E 142 24.88 -23.65 31.67
N VAL E 143 25.14 -24.77 31.00
CA VAL E 143 25.06 -24.84 29.54
C VAL E 143 24.08 -25.92 29.13
N CYS E 144 22.98 -25.52 28.49
CA CYS E 144 22.01 -26.45 27.94
C CYS E 144 22.35 -26.73 26.48
N LEU E 145 22.14 -27.97 26.05
CA LEU E 145 22.57 -28.42 24.73
C LEU E 145 21.55 -29.43 24.20
N ALA E 146 20.82 -29.04 23.15
CA ALA E 146 19.89 -29.91 22.46
C ALA E 146 20.51 -30.32 21.12
N THR E 147 20.62 -31.62 20.89
CA THR E 147 21.36 -32.15 19.75
C THR E 147 20.50 -33.11 18.94
N GLY E 148 20.89 -33.26 17.67
CA GLY E 148 20.31 -34.26 16.79
C GLY E 148 18.81 -34.17 16.58
N PHE E 149 18.34 -33.07 16.01
CA PHE E 149 16.91 -32.92 15.71
C PHE E 149 16.75 -32.30 14.33
N TYR E 150 15.55 -32.46 13.76
CA TYR E 150 15.21 -31.95 12.45
C TYR E 150 13.69 -31.84 12.36
N PRO E 151 13.15 -30.68 11.92
CA PRO E 151 13.89 -29.49 11.51
C PRO E 151 14.11 -28.45 12.62
N ASP E 152 14.09 -27.16 12.26
CA ASP E 152 14.58 -26.12 13.17
C ASP E 152 13.51 -25.62 14.12
N HIS E 153 12.53 -26.47 14.40
CA HIS E 153 11.36 -26.06 15.17
C HIS E 153 11.62 -26.40 16.64
N VAL E 154 12.38 -25.53 17.30
CA VAL E 154 12.69 -25.70 18.71
C VAL E 154 12.60 -24.35 19.42
N GLU E 155 12.17 -24.38 20.68
CA GLU E 155 12.08 -23.17 21.51
C GLU E 155 12.57 -23.51 22.91
N LEU E 156 13.73 -22.96 23.29
CA LEU E 156 14.39 -23.29 24.54
C LEU E 156 14.11 -22.23 25.59
N SER E 157 14.01 -22.66 26.85
CA SER E 157 13.79 -21.76 27.97
C SER E 157 14.39 -22.35 29.23
N TRP E 158 14.66 -21.47 30.20
CA TRP E 158 15.26 -21.85 31.48
C TRP E 158 14.24 -21.69 32.60
N TRP E 159 14.09 -22.73 33.42
CA TRP E 159 13.17 -22.72 34.55
C TRP E 159 13.94 -23.05 35.81
N VAL E 160 13.83 -22.19 36.81
CA VAL E 160 14.46 -22.40 38.12
C VAL E 160 13.37 -22.58 39.15
N ASN E 161 13.42 -23.70 39.89
CA ASN E 161 12.43 -24.03 40.92
C ASN E 161 11.01 -24.01 40.37
N GLY E 162 10.85 -24.30 39.08
CA GLY E 162 9.55 -24.32 38.45
C GLY E 162 9.08 -22.99 37.90
N LYS E 163 9.92 -21.97 37.90
CA LYS E 163 9.55 -20.65 37.41
C LYS E 163 10.55 -20.18 36.36
N GLU E 164 10.04 -19.77 35.20
CA GLU E 164 10.91 -19.40 34.09
C GLU E 164 11.69 -18.13 34.41
N VAL E 165 12.97 -18.11 34.03
CA VAL E 165 13.83 -16.96 34.27
C VAL E 165 14.20 -16.33 32.93
N HIS E 166 14.40 -15.01 32.95
CA HIS E 166 14.81 -14.26 31.78
C HIS E 166 16.05 -13.43 32.03
N SER E 167 16.76 -13.67 33.13
CA SER E 167 17.98 -12.95 33.47
C SER E 167 19.16 -13.91 33.43
N GLY E 168 20.30 -13.43 32.93
CA GLY E 168 21.46 -14.27 32.81
C GLY E 168 21.34 -15.39 31.80
N VAL E 169 20.31 -15.36 30.96
CA VAL E 169 20.08 -16.39 29.96
C VAL E 169 20.52 -15.88 28.60
N CYS E 170 20.97 -16.79 27.75
CA CYS E 170 21.36 -16.43 26.39
C CYS E 170 21.31 -17.67 25.52
N THR E 171 20.37 -17.69 24.58
CA THR E 171 20.20 -18.79 23.64
C THR E 171 20.77 -18.38 22.28
N ASP E 172 21.39 -19.32 21.60
CA ASP E 172 21.92 -19.06 20.27
C ASP E 172 20.80 -18.58 19.34
N PRO E 173 21.07 -17.60 18.47
CA PRO E 173 19.98 -17.06 17.63
C PRO E 173 19.33 -18.11 16.74
N GLN E 174 20.13 -18.89 16.02
CA GLN E 174 19.64 -19.95 15.17
C GLN E 174 20.52 -21.18 15.34
N PRO E 175 19.96 -22.38 15.19
CA PRO E 175 20.72 -23.60 15.43
C PRO E 175 21.86 -23.78 14.44
N LEU E 176 22.69 -24.78 14.72
CA LEU E 176 23.84 -25.15 13.89
C LEU E 176 23.50 -26.40 13.09
N LYS E 177 24.34 -26.69 12.11
CA LYS E 177 24.22 -27.91 11.31
C LYS E 177 25.29 -28.91 11.75
N GLU E 178 24.85 -30.11 12.12
CA GLU E 178 25.77 -31.13 12.58
C GLU E 178 26.52 -31.79 11.44
N GLN E 179 25.88 -31.94 10.28
CA GLN E 179 26.51 -32.44 9.06
C GLN E 179 26.11 -31.52 7.91
N PRO E 180 26.69 -30.32 7.86
CA PRO E 180 26.13 -29.25 7.01
C PRO E 180 26.12 -29.56 5.52
N ALA E 181 26.83 -30.59 5.07
CA ALA E 181 26.80 -30.94 3.65
C ALA E 181 25.44 -31.48 3.22
N LEU E 182 24.63 -31.96 4.16
CA LEU E 182 23.33 -32.54 3.83
C LEU E 182 22.25 -31.48 3.84
N ASN E 183 21.36 -31.55 2.85
CA ASN E 183 20.16 -30.73 2.85
C ASN E 183 19.21 -31.12 3.97
N ASP E 184 19.31 -32.36 4.46
CA ASP E 184 18.52 -32.86 5.58
C ASP E 184 19.38 -33.05 6.82
N SER E 185 20.34 -32.14 7.04
CA SER E 185 21.24 -32.26 8.18
C SER E 185 20.50 -31.94 9.48
N ARG E 186 20.78 -32.73 10.51
CA ARG E 186 20.21 -32.47 11.82
C ARG E 186 20.81 -31.18 12.40
N TYR E 187 20.13 -30.66 13.42
CA TYR E 187 20.50 -29.38 14.00
C TYR E 187 20.79 -29.52 15.48
N ALA E 188 21.43 -28.48 16.03
CA ALA E 188 21.79 -28.44 17.44
C ALA E 188 21.73 -26.99 17.93
N LEU E 189 21.40 -26.83 19.21
CA LEU E 189 21.23 -25.52 19.81
C LEU E 189 21.76 -25.54 21.23
N SER E 190 22.41 -24.46 21.64
CA SER E 190 22.95 -24.32 22.99
C SER E 190 22.43 -23.05 23.64
N SER E 191 22.47 -23.03 24.97
CA SER E 191 22.03 -21.87 25.73
C SER E 191 22.79 -21.81 27.04
N ARG E 192 22.83 -20.62 27.64
CA ARG E 192 23.59 -20.38 28.84
C ARG E 192 22.71 -19.72 29.90
N LEU E 193 22.91 -20.13 31.16
CA LEU E 193 22.23 -19.53 32.30
C LEU E 193 23.26 -19.26 33.38
N ARG E 194 23.56 -17.98 33.63
CA ARG E 194 24.53 -17.59 34.64
C ARG E 194 23.81 -17.05 35.87
N VAL E 195 24.20 -17.54 37.05
CA VAL E 195 23.69 -17.06 38.32
C VAL E 195 24.85 -17.10 39.32
N SER E 196 24.71 -16.36 40.41
CA SER E 196 25.79 -16.23 41.38
C SER E 196 26.22 -17.60 41.91
N ALA E 197 27.50 -17.71 42.28
CA ALA E 197 28.01 -18.96 42.81
C ALA E 197 27.31 -19.35 44.10
N THR E 198 26.90 -18.36 44.90
CA THR E 198 26.10 -18.66 46.09
C THR E 198 24.79 -19.33 45.72
N PHE E 199 24.17 -18.88 44.63
CA PHE E 199 22.90 -19.48 44.20
C PHE E 199 23.11 -20.91 43.72
N TRP E 200 24.22 -21.17 43.03
CA TRP E 200 24.48 -22.52 42.54
C TRP E 200 24.83 -23.47 43.69
N GLN E 201 25.61 -22.99 44.66
CA GLN E 201 26.02 -23.86 45.76
C GLN E 201 24.87 -24.21 46.70
N ASP E 202 23.76 -23.50 46.61
CA ASP E 202 22.57 -23.85 47.39
C ASP E 202 21.97 -25.13 46.84
N PRO E 203 21.96 -26.24 47.60
CA PRO E 203 21.51 -27.52 47.05
C PRO E 203 20.00 -27.65 46.91
N ARG E 204 19.24 -26.63 47.29
CA ARG E 204 17.79 -26.65 47.16
C ARG E 204 17.30 -26.22 45.78
N ASN E 205 18.17 -25.64 44.96
CA ASN E 205 17.72 -25.05 43.70
C ASN E 205 17.59 -26.12 42.62
N HIS E 206 16.53 -26.01 41.82
CA HIS E 206 16.19 -26.97 40.78
C HIS E 206 16.28 -26.27 39.43
N PHE E 207 17.28 -26.63 38.62
CA PHE E 207 17.47 -26.04 37.31
C PHE E 207 16.94 -27.00 36.25
N ARG E 208 16.13 -26.48 35.33
CA ARG E 208 15.54 -27.30 34.29
C ARG E 208 15.54 -26.53 32.97
N CYS E 209 16.18 -27.11 31.96
CA CYS E 209 16.15 -26.60 30.60
C CYS E 209 14.99 -27.25 29.86
N GLN E 210 14.09 -26.42 29.35
CA GLN E 210 12.85 -26.88 28.72
C GLN E 210 12.89 -26.54 27.24
N VAL E 211 12.87 -27.56 26.39
CA VAL E 211 12.96 -27.40 24.94
C VAL E 211 11.67 -27.89 24.31
N GLN E 212 10.95 -26.98 23.65
CA GLN E 212 9.73 -27.32 22.93
C GLN E 212 10.09 -27.69 21.49
N PHE E 213 9.69 -28.88 21.07
CA PHE E 213 9.92 -29.36 19.72
C PHE E 213 8.59 -29.52 19.00
N TYR E 214 8.46 -28.88 17.85
CA TYR E 214 7.27 -28.97 17.01
C TYR E 214 7.51 -30.01 15.92
N GLY E 215 6.67 -31.05 15.91
CA GLY E 215 6.81 -32.11 14.92
C GLY E 215 5.48 -32.57 14.36
N LEU E 216 5.29 -33.88 14.27
CA LEU E 216 4.06 -34.44 13.75
C LEU E 216 2.93 -34.32 14.78
N SER E 217 1.71 -34.60 14.33
CA SER E 217 0.53 -34.51 15.16
C SER E 217 -0.13 -35.90 15.28
N GLU E 218 -1.20 -35.96 16.07
CA GLU E 218 -1.92 -37.21 16.25
C GLU E 218 -2.72 -37.61 15.02
N ASN E 219 -2.88 -36.71 14.05
CA ASN E 219 -3.56 -37.00 12.79
C ASN E 219 -2.60 -37.32 11.66
N ASP E 220 -1.30 -37.41 11.95
CA ASP E 220 -0.29 -37.74 10.96
C ASP E 220 0.05 -39.22 11.05
N GLU E 221 0.03 -39.90 9.90
CA GLU E 221 0.35 -41.32 9.84
C GLU E 221 1.87 -41.52 9.79
N TRP E 222 2.33 -42.58 10.45
CA TRP E 222 3.76 -42.82 10.61
C TRP E 222 4.13 -44.24 10.15
N THR E 223 3.66 -45.24 10.89
CA THR E 223 3.82 -46.65 10.54
C THR E 223 5.30 -47.05 10.41
N GLN E 224 6.04 -46.82 11.50
CA GLN E 224 7.40 -47.29 11.61
C GLN E 224 7.60 -47.93 12.97
N ASP E 225 8.73 -48.64 13.11
CA ASP E 225 8.89 -49.56 14.22
C ASP E 225 9.24 -48.83 15.52
N ARG E 226 10.17 -47.87 15.46
CA ARG E 226 10.70 -47.26 16.67
C ARG E 226 9.74 -46.22 17.24
N ALA E 227 9.88 -44.96 16.84
CA ALA E 227 9.06 -43.90 17.40
C ALA E 227 8.88 -42.79 16.39
N LYS E 228 7.76 -42.05 16.51
CA LYS E 228 7.57 -40.90 15.65
C LYS E 228 7.74 -39.60 16.44
N PRO E 229 8.43 -38.62 15.86
CA PRO E 229 8.58 -37.33 16.54
C PRO E 229 7.30 -36.52 16.51
N VAL E 230 6.66 -36.36 17.66
CA VAL E 230 5.46 -35.55 17.80
C VAL E 230 5.83 -34.26 18.53
N THR E 231 4.94 -33.28 18.43
CA THR E 231 5.11 -32.01 19.14
C THR E 231 5.16 -32.28 20.64
N GLN E 232 6.33 -32.11 21.25
CA GLN E 232 6.53 -32.52 22.63
C GLN E 232 7.54 -31.59 23.29
N ILE E 233 7.68 -31.74 24.61
CA ILE E 233 8.62 -30.97 25.41
C ILE E 233 9.66 -31.94 25.96
N VAL E 234 10.93 -31.63 25.73
CA VAL E 234 12.05 -32.39 26.27
C VAL E 234 12.80 -31.49 27.24
N SER E 235 12.91 -31.95 28.49
CA SER E 235 13.56 -31.19 29.54
C SER E 235 14.77 -31.95 30.06
N ALA E 236 15.78 -31.21 30.52
CA ALA E 236 16.94 -31.78 31.16
C ALA E 236 17.29 -30.93 32.38
N GLU E 237 17.49 -31.57 33.53
CA GLU E 237 17.61 -30.84 34.78
C GLU E 237 18.94 -31.13 35.47
N ALA E 238 19.30 -30.22 36.38
CA ALA E 238 20.46 -30.36 37.25
C ALA E 238 20.16 -29.63 38.55
N TRP E 239 20.85 -30.07 39.61
CA TRP E 239 20.66 -29.53 40.95
C TRP E 239 21.95 -28.90 41.46
N GLY E 240 21.79 -28.01 42.43
CA GLY E 240 22.94 -27.37 43.06
C GLY E 240 23.61 -28.26 44.10
N ARG E 241 24.79 -27.82 44.52
CA ARG E 241 25.58 -28.58 45.48
C ARG E 241 26.65 -27.68 46.07
N ALA E 242 26.94 -27.87 47.35
CA ALA E 242 27.88 -27.00 48.04
C ALA E 242 29.33 -27.32 47.69
N ASP E 243 29.66 -28.60 47.56
CA ASP E 243 31.02 -29.06 47.25
C ASP E 243 32.02 -28.53 48.29
#